data_3A06
#
_entry.id   3A06
#
_cell.length_a   108.622
_cell.length_b   108.622
_cell.length_c   74.662
_cell.angle_alpha   90.00
_cell.angle_beta   90.00
_cell.angle_gamma   90.00
#
_symmetry.space_group_name_H-M   'P 43'
#
loop_
_entity.id
_entity.type
_entity.pdbx_description
1 polymer '1-deoxy-D-xylulose 5-phosphate reductoisomerase'
2 non-polymer 'NADPH DIHYDRO-NICOTINAMIDE-ADENINE-DINUCLEOTIDE PHOSPHATE'
3 non-polymer '3-[FORMYL(HYDROXY)AMINO]PROPYLPHOSPHONIC ACID'
4 non-polymer 'MAGNESIUM ION'
5 water water
#
_entity_poly.entity_id   1
_entity_poly.type   'polypeptide(L)'
_entity_poly.pdbx_seq_one_letter_code
;MEERTLVILGATGSIGTQTLDVLKKVKGIRLIGISFHSNLELAFKIVKEFNVKNVAITGDVEFEDSSINVWKGSHSIEEM
LEALKPDITMVAVSGFSGLRAVLASLEHSKRVCLANKESLVCGGFLVKKKLKEKGTELIPVDSEHSAIFQVMEPEVEKVV
LTASGGALRDWKISKIDRARPEDVLKHPVWNMGARITVDSATMVNKAFEVLEAMELFELPFEKIEVKIHREGLVHGAVVL
PDGNVKMVVSPPDMRIPISYALFYPRRVALEPFFLRTISLSFEDPDPEKYPAFFLLKEIKDSYALRTAFNAADEVAVEAF
LKGRIRFGGIHRVIEKTLEEFQGYPQPRTLDDVERIHFEAIKKAERVTEWLSSTSY
;
_entity_poly.pdbx_strand_id   A,B
#
# COMPACT_ATOMS: atom_id res chain seq x y z
N GLU A 3 -18.59 23.26 7.68
CA GLU A 3 -17.51 22.67 8.55
C GLU A 3 -18.05 21.48 9.36
N ARG A 4 -17.19 20.50 9.65
CA ARG A 4 -17.58 19.40 10.53
C ARG A 4 -17.21 19.77 11.98
N THR A 5 -18.10 19.49 12.93
CA THR A 5 -17.83 19.87 14.31
C THR A 5 -17.01 18.77 14.98
N LEU A 6 -16.14 19.17 15.92
CA LEU A 6 -15.22 18.24 16.58
C LEU A 6 -15.23 18.41 18.10
N VAL A 7 -15.16 17.29 18.80
CA VAL A 7 -14.88 17.28 20.24
C VAL A 7 -13.60 16.49 20.49
N ILE A 8 -12.66 17.07 21.25
CA ILE A 8 -11.41 16.36 21.59
C ILE A 8 -11.51 15.99 23.06
N LEU A 9 -11.59 14.70 23.36
CA LEU A 9 -11.59 14.21 24.73
C LEU A 9 -10.15 13.96 25.07
N GLY A 10 -9.72 14.50 26.21
CA GLY A 10 -8.33 14.46 26.57
C GLY A 10 -7.55 15.51 25.77
N ALA A 11 -8.05 16.75 25.70
CA ALA A 11 -7.41 17.78 24.85
C ALA A 11 -6.05 18.25 25.33
N THR A 12 -5.76 18.00 26.62
CA THR A 12 -4.59 18.54 27.25
C THR A 12 -3.43 17.57 27.19
N GLY A 13 -3.64 16.39 26.61
CA GLY A 13 -2.60 15.40 26.51
C GLY A 13 -1.78 15.48 25.23
N SER A 14 -0.90 14.49 25.03
CA SER A 14 -0.01 14.45 23.87
C SER A 14 -0.78 14.40 22.56
N ILE A 15 -1.66 13.42 22.41
CA ILE A 15 -2.49 13.33 21.19
C ILE A 15 -3.41 14.54 21.04
N GLY A 16 -3.99 14.97 22.16
CA GLY A 16 -4.93 16.10 22.14
C GLY A 16 -4.32 17.38 21.61
N THR A 17 -3.12 17.71 22.09
CA THR A 17 -2.50 18.95 21.65
C THR A 17 -1.94 18.84 20.24
N GLN A 18 -1.55 17.65 19.82
CA GLN A 18 -1.16 17.43 18.44
C GLN A 18 -2.33 17.59 17.48
N THR A 19 -3.52 17.16 17.93
CA THR A 19 -4.77 17.42 17.19
C THR A 19 -5.02 18.91 17.00
N LEU A 20 -4.90 19.68 18.08
CA LEU A 20 -4.97 21.13 17.96
C LEU A 20 -4.00 21.68 16.95
N ASP A 21 -2.77 21.15 16.95
CA ASP A 21 -1.79 21.62 15.95
C ASP A 21 -2.28 21.39 14.53
N VAL A 22 -2.90 20.24 14.30
CA VAL A 22 -3.42 19.90 12.99
C VAL A 22 -4.52 20.87 12.58
N LEU A 23 -5.39 21.23 13.51
CA LEU A 23 -6.50 22.17 13.22
C LEU A 23 -6.00 23.54 12.74
N LYS A 24 -4.84 23.95 13.22
CA LYS A 24 -4.20 25.18 12.73
C LYS A 24 -3.67 25.04 11.32
N LYS A 25 -3.38 23.81 10.88
CA LYS A 25 -2.71 23.59 9.61
C LYS A 25 -3.66 23.27 8.47
N VAL A 26 -4.89 22.92 8.81
CA VAL A 26 -5.82 22.48 7.81
C VAL A 26 -7.22 22.94 8.20
N LYS A 27 -7.99 23.39 7.20
CA LYS A 27 -9.30 23.97 7.42
C LYS A 27 -10.41 22.96 7.16
N GLY A 28 -11.59 23.25 7.69
CA GLY A 28 -12.78 22.44 7.42
C GLY A 28 -13.40 21.73 8.63
N ILE A 29 -12.77 21.89 9.80
CA ILE A 29 -13.30 21.34 11.06
C ILE A 29 -13.37 22.44 12.07
N ARG A 30 -14.46 22.51 12.84
CA ARG A 30 -14.56 23.46 13.90
C ARG A 30 -14.57 22.72 15.25
N LEU A 31 -13.63 23.04 16.14
CA LEU A 31 -13.63 22.49 17.48
C LEU A 31 -14.70 23.21 18.30
N ILE A 32 -15.64 22.43 18.83
CA ILE A 32 -16.77 22.96 19.65
C ILE A 32 -16.73 22.53 21.11
N GLY A 33 -15.91 21.53 21.46
CA GLY A 33 -15.79 21.14 22.86
C GLY A 33 -14.57 20.29 23.17
N ILE A 34 -14.17 20.29 24.44
CA ILE A 34 -13.05 19.47 24.88
C ILE A 34 -13.37 18.80 26.21
N SER A 35 -12.58 17.80 26.58
CA SER A 35 -12.61 17.26 27.93
C SER A 35 -11.19 17.25 28.38
N PHE A 36 -10.97 17.44 29.68
CA PHE A 36 -9.65 17.26 30.25
C PHE A 36 -9.87 16.76 31.68
N HIS A 37 -8.79 16.36 32.36
CA HIS A 37 -8.90 15.71 33.65
C HIS A 37 -8.55 16.67 34.78
N SER A 38 -7.29 17.10 34.85
CA SER A 38 -6.85 18.02 35.88
C SER A 38 -5.91 19.16 35.44
N ASN A 39 -5.37 19.11 34.21
CA ASN A 39 -4.49 20.21 33.76
C ASN A 39 -5.21 21.52 33.39
N LEU A 40 -5.66 22.24 34.41
CA LEU A 40 -6.41 23.49 34.26
C LEU A 40 -5.68 24.61 33.52
N GLU A 41 -4.40 24.81 33.79
CA GLU A 41 -3.60 25.85 33.10
C GLU A 41 -3.57 25.66 31.57
N LEU A 42 -3.34 24.42 31.14
CA LEU A 42 -3.34 24.12 29.71
C LEU A 42 -4.74 24.21 29.12
N ALA A 43 -5.73 23.64 29.81
CA ALA A 43 -7.13 23.74 29.37
C ALA A 43 -7.54 25.18 29.14
N PHE A 44 -7.15 26.06 30.06
CA PHE A 44 -7.45 27.48 29.93
C PHE A 44 -6.88 28.07 28.65
N LYS A 45 -5.60 27.81 28.37
CA LYS A 45 -4.96 28.21 27.11
C LYS A 45 -5.76 27.72 25.89
N ILE A 46 -6.20 26.48 25.92
CA ILE A 46 -6.93 25.90 24.78
C ILE A 46 -8.29 26.58 24.57
N VAL A 47 -9.02 26.75 25.66
CA VAL A 47 -10.33 27.37 25.60
C VAL A 47 -10.21 28.81 25.09
N LYS A 48 -9.18 29.52 25.52
CA LYS A 48 -8.94 30.87 25.01
C LYS A 48 -8.52 30.88 23.52
N GLU A 49 -7.51 30.08 23.19
CA GLU A 49 -6.95 30.08 21.83
C GLU A 49 -7.97 29.62 20.78
N PHE A 50 -8.80 28.65 21.13
CA PHE A 50 -9.74 28.06 20.19
C PHE A 50 -11.21 28.50 20.37
N ASN A 51 -11.44 29.40 21.32
CA ASN A 51 -12.79 29.93 21.59
C ASN A 51 -13.81 28.81 21.80
N VAL A 52 -13.42 27.87 22.66
CA VAL A 52 -14.21 26.68 22.97
C VAL A 52 -15.23 27.05 24.05
N LYS A 53 -16.49 26.72 23.83
CA LYS A 53 -17.56 27.10 24.74
C LYS A 53 -18.15 25.93 25.51
N ASN A 54 -17.59 24.74 25.31
CA ASN A 54 -18.11 23.55 25.96
C ASN A 54 -16.94 22.74 26.49
N VAL A 55 -16.97 22.44 27.80
CA VAL A 55 -15.89 21.73 28.47
C VAL A 55 -16.47 20.65 29.40
N ALA A 56 -15.89 19.46 29.35
CA ALA A 56 -16.19 18.40 30.31
C ALA A 56 -14.99 18.17 31.18
N ILE A 57 -15.19 18.33 32.50
CA ILE A 57 -14.15 18.10 33.49
C ILE A 57 -14.38 16.75 34.08
N THR A 58 -13.32 15.99 34.12
CA THR A 58 -13.38 14.59 34.34
C THR A 58 -12.69 14.31 35.69
N GLY A 59 -11.82 15.22 36.10
CA GLY A 59 -11.09 15.11 37.36
C GLY A 59 -11.66 16.00 38.47
N ASP A 60 -10.95 16.03 39.58
CA ASP A 60 -11.42 16.79 40.73
C ASP A 60 -10.76 18.15 40.72
N VAL A 61 -11.22 19.00 39.81
CA VAL A 61 -10.69 20.35 39.61
C VAL A 61 -11.85 21.31 39.40
N GLU A 62 -11.57 22.60 39.56
CA GLU A 62 -12.60 23.63 39.57
C GLU A 62 -12.44 24.53 38.37
N PHE A 63 -13.38 24.43 37.43
CA PHE A 63 -13.37 25.27 36.24
C PHE A 63 -14.59 26.17 36.32
N GLU A 64 -14.34 27.48 36.35
CA GLU A 64 -15.39 28.47 36.55
C GLU A 64 -14.97 29.82 36.00
N ASP A 65 -15.73 30.41 35.08
CA ASP A 65 -16.73 29.76 34.23
C ASP A 65 -16.67 30.59 32.92
N SER A 66 -17.61 31.48 32.60
CA SER A 66 -18.97 31.65 33.14
C SER A 66 -19.81 31.85 31.89
N SER A 67 -19.12 32.16 30.80
CA SER A 67 -19.69 32.22 29.46
C SER A 67 -19.51 30.89 28.70
N ILE A 68 -18.79 29.94 29.30
CA ILE A 68 -18.70 28.60 28.71
C ILE A 68 -19.51 27.56 29.52
N ASN A 69 -20.09 26.59 28.81
CA ASN A 69 -20.80 25.47 29.43
C ASN A 69 -19.82 24.45 29.99
N VAL A 70 -19.90 24.19 31.28
CA VAL A 70 -18.96 23.30 31.94
C VAL A 70 -19.73 22.12 32.51
N TRP A 71 -19.49 20.93 31.96
CA TRP A 71 -19.98 19.69 32.54
C TRP A 71 -18.92 19.13 33.48
N LYS A 72 -19.34 18.57 34.60
CA LYS A 72 -18.39 18.07 35.58
C LYS A 72 -18.85 16.75 36.16
N GLY A 73 -17.90 15.91 36.54
CA GLY A 73 -18.22 14.62 37.16
C GLY A 73 -18.20 13.43 36.23
N SER A 74 -18.72 12.31 36.72
CA SER A 74 -18.47 11.01 36.13
C SER A 74 -19.16 10.78 34.81
N HIS A 75 -20.21 11.54 34.53
CA HIS A 75 -20.91 11.43 33.26
C HIS A 75 -20.76 12.72 32.45
N SER A 76 -19.74 13.50 32.73
CA SER A 76 -19.57 14.77 31.99
C SER A 76 -19.36 14.55 30.50
N ILE A 77 -18.52 13.58 30.14
CA ILE A 77 -18.22 13.32 28.72
C ILE A 77 -19.48 12.89 28.04
N GLU A 78 -20.19 11.94 28.64
CA GLU A 78 -21.44 11.43 28.09
C GLU A 78 -22.49 12.55 27.86
N GLU A 79 -22.66 13.38 28.90
CA GLU A 79 -23.66 14.44 28.88
C GLU A 79 -23.27 15.55 27.91
N MET A 80 -22.00 15.96 27.92
CA MET A 80 -21.54 16.90 26.88
C MET A 80 -21.80 16.36 25.47
N LEU A 81 -21.41 15.11 25.19
CA LEU A 81 -21.59 14.58 23.83
C LEU A 81 -23.05 14.53 23.42
N GLU A 82 -23.91 14.16 24.35
CA GLU A 82 -25.37 14.13 24.05
C GLU A 82 -25.87 15.50 23.68
N ALA A 83 -25.38 16.52 24.41
CA ALA A 83 -25.78 17.89 24.18
C ALA A 83 -25.24 18.45 22.85
N LEU A 84 -24.00 18.07 22.50
CA LEU A 84 -23.34 18.66 21.31
C LEU A 84 -23.54 17.87 20.03
N LYS A 85 -23.67 16.55 20.16
CA LYS A 85 -23.81 15.68 19.00
C LYS A 85 -22.79 16.05 17.91
N PRO A 86 -21.48 15.96 18.24
CA PRO A 86 -20.46 16.37 17.25
C PRO A 86 -20.39 15.45 16.02
N ASP A 87 -19.94 15.99 14.90
CA ASP A 87 -19.68 15.14 13.75
C ASP A 87 -18.54 14.17 14.01
N ILE A 88 -17.55 14.61 14.77
CA ILE A 88 -16.30 13.86 14.97
C ILE A 88 -15.92 13.96 16.43
N THR A 89 -15.52 12.87 17.03
CA THR A 89 -14.95 12.91 18.37
C THR A 89 -13.56 12.26 18.35
N MET A 90 -12.56 12.97 18.85
CA MET A 90 -11.20 12.39 18.97
C MET A 90 -11.13 11.88 20.41
N VAL A 91 -10.94 10.57 20.60
CA VAL A 91 -10.92 9.98 21.95
C VAL A 91 -9.46 9.77 22.35
N ALA A 92 -8.91 10.75 23.05
CA ALA A 92 -7.50 10.78 23.37
C ALA A 92 -7.30 10.83 24.89
N VAL A 93 -8.25 10.27 25.63
CA VAL A 93 -8.05 10.10 27.07
C VAL A 93 -7.11 8.92 27.34
N SER A 94 -6.39 8.98 28.45
CA SER A 94 -5.48 7.90 28.75
C SER A 94 -6.13 6.98 29.76
N GLY A 95 -5.73 5.71 29.73
CA GLY A 95 -6.12 4.78 30.78
C GLY A 95 -7.46 4.12 30.54
N PHE A 96 -7.97 3.51 31.60
CA PHE A 96 -9.16 2.69 31.54
C PHE A 96 -10.43 3.52 31.33
N SER A 97 -10.40 4.81 31.68
CA SER A 97 -11.52 5.72 31.37
C SER A 97 -11.88 5.77 29.88
N GLY A 98 -10.91 5.42 29.03
CA GLY A 98 -11.12 5.36 27.60
C GLY A 98 -12.25 4.45 27.17
N LEU A 99 -12.54 3.43 27.96
CA LEU A 99 -13.59 2.49 27.58
C LEU A 99 -14.96 3.16 27.58
N ARG A 100 -15.35 3.81 28.68
CA ARG A 100 -16.62 4.54 28.68
C ARG A 100 -16.64 5.75 27.76
N ALA A 101 -15.49 6.43 27.62
CA ALA A 101 -15.38 7.56 26.69
C ALA A 101 -15.67 7.11 25.24
N VAL A 102 -15.13 5.97 24.82
CA VAL A 102 -15.34 5.47 23.46
C VAL A 102 -16.78 5.05 23.28
N LEU A 103 -17.34 4.36 24.27
CA LEU A 103 -18.75 3.92 24.17
C LEU A 103 -19.70 5.12 24.05
N ALA A 104 -19.46 6.17 24.82
CA ALA A 104 -20.28 7.39 24.73
C ALA A 104 -20.08 8.11 23.39
N SER A 105 -18.84 8.12 22.90
CA SER A 105 -18.54 8.75 21.61
C SER A 105 -19.25 8.05 20.45
N LEU A 106 -19.27 6.73 20.49
CA LEU A 106 -19.96 5.95 19.45
C LEU A 106 -21.46 6.23 19.44
N GLU A 107 -22.00 6.47 20.61
CA GLU A 107 -23.44 6.76 20.73
C GLU A 107 -23.80 8.14 20.17
N HIS A 108 -22.90 9.12 20.28
CA HIS A 108 -23.28 10.50 20.01
C HIS A 108 -22.56 11.24 18.86
N SER A 109 -21.60 10.56 18.22
CA SER A 109 -20.82 11.16 17.13
C SER A 109 -21.09 10.40 15.84
N LYS A 110 -20.79 11.03 14.72
CA LYS A 110 -20.89 10.33 13.46
C LYS A 110 -19.56 9.62 13.14
N ARG A 111 -18.45 10.18 13.60
CA ARG A 111 -17.15 9.53 13.49
C ARG A 111 -16.40 9.56 14.81
N VAL A 112 -15.77 8.45 15.16
CA VAL A 112 -14.91 8.41 16.32
C VAL A 112 -13.48 8.13 15.83
N CYS A 113 -12.55 8.98 16.25
CA CYS A 113 -11.11 8.81 15.97
C CYS A 113 -10.55 8.23 17.26
N LEU A 114 -10.10 7.00 17.21
CA LEU A 114 -9.73 6.30 18.44
C LEU A 114 -8.22 6.29 18.69
N ALA A 115 -7.78 7.02 19.72
CA ALA A 115 -6.39 6.96 20.13
C ALA A 115 -6.21 6.03 21.37
N ASN A 116 -7.19 6.03 22.26
CA ASN A 116 -7.15 5.20 23.48
C ASN A 116 -7.14 3.70 23.22
N LYS A 117 -6.12 3.04 23.75
CA LYS A 117 -5.90 1.61 23.53
C LYS A 117 -6.68 0.72 24.48
N GLU A 118 -6.82 1.17 25.72
CA GLU A 118 -7.41 0.34 26.77
C GLU A 118 -8.83 -0.08 26.42
N SER A 119 -9.55 0.79 25.73
CA SER A 119 -10.92 0.49 25.32
C SER A 119 -11.07 -0.82 24.54
N LEU A 120 -10.15 -1.10 23.62
CA LEU A 120 -10.26 -2.36 22.87
C LEU A 120 -9.60 -3.55 23.60
N VAL A 121 -8.51 -3.29 24.29
CA VAL A 121 -7.80 -4.32 25.07
C VAL A 121 -8.74 -4.91 26.14
N CYS A 122 -9.35 -4.05 26.94
CA CYS A 122 -10.24 -4.51 28.04
C CYS A 122 -11.66 -4.78 27.62
N GLY A 123 -12.20 -3.97 26.73
CA GLY A 123 -13.61 -4.06 26.39
C GLY A 123 -13.93 -4.05 24.91
N GLY A 124 -13.02 -4.56 24.09
CA GLY A 124 -13.26 -4.65 22.65
C GLY A 124 -14.60 -5.27 22.25
N PHE A 125 -15.06 -6.31 22.96
CA PHE A 125 -16.37 -6.92 22.68
C PHE A 125 -17.54 -5.98 22.90
N LEU A 126 -17.44 -5.09 23.88
CA LEU A 126 -18.44 -4.06 24.09
C LEU A 126 -18.44 -3.00 22.96
N VAL A 127 -17.25 -2.59 22.53
CA VAL A 127 -17.08 -1.59 21.46
C VAL A 127 -17.65 -2.14 20.16
N LYS A 128 -17.30 -3.39 19.85
CA LYS A 128 -17.75 -4.06 18.64
C LYS A 128 -19.27 -4.19 18.57
N LYS A 129 -19.88 -4.54 19.70
CA LYS A 129 -21.33 -4.57 19.83
C LYS A 129 -21.95 -3.18 19.57
N LYS A 130 -21.40 -2.16 20.19
CA LYS A 130 -21.91 -0.78 20.01
C LYS A 130 -21.73 -0.31 18.56
N LEU A 131 -20.57 -0.59 17.98
CA LEU A 131 -20.30 -0.29 16.57
C LEU A 131 -21.32 -0.91 15.61
N LYS A 132 -21.66 -2.18 15.84
CA LYS A 132 -22.63 -2.87 15.02
C LYS A 132 -24.02 -2.23 15.15
N GLU A 133 -24.41 -1.94 16.39
CA GLU A 133 -25.72 -1.34 16.65
C GLU A 133 -25.86 0.09 16.10
N LYS A 134 -24.86 0.94 16.33
CA LYS A 134 -24.95 2.36 15.99
C LYS A 134 -24.52 2.67 14.56
N GLY A 135 -23.58 1.89 14.02
CA GLY A 135 -23.03 2.12 12.68
C GLY A 135 -22.04 3.29 12.55
N THR A 136 -21.61 3.83 13.68
CA THR A 136 -20.68 4.97 13.72
C THR A 136 -19.37 4.63 13.02
N GLU A 137 -18.79 5.58 12.30
CA GLU A 137 -17.51 5.35 11.64
C GLU A 137 -16.43 5.32 12.74
N LEU A 138 -15.50 4.36 12.70
CA LEU A 138 -14.40 4.40 13.67
C LEU A 138 -13.07 4.32 12.95
N ILE A 139 -12.21 5.31 13.13
CA ILE A 139 -10.89 5.28 12.51
C ILE A 139 -9.80 5.29 13.58
N PRO A 140 -8.83 4.32 13.54
CA PRO A 140 -7.73 4.37 14.51
C PRO A 140 -6.75 5.52 14.26
N VAL A 141 -6.23 6.07 15.35
CA VAL A 141 -5.25 7.15 15.27
C VAL A 141 -3.79 6.63 15.48
N ASP A 142 -3.65 5.52 16.17
CA ASP A 142 -2.33 4.90 16.36
C ASP A 142 -1.60 4.71 14.99
N SER A 143 -0.31 5.06 14.92
CA SER A 143 0.42 5.04 13.63
C SER A 143 0.35 3.68 12.98
N GLU A 144 0.52 2.63 13.77
CA GLU A 144 0.53 1.27 13.19
C GLU A 144 -0.86 0.87 12.67
N HIS A 145 -1.92 1.17 13.43
CA HIS A 145 -3.26 0.78 12.94
C HIS A 145 -3.73 1.71 11.81
N SER A 146 -3.26 2.94 11.81
CA SER A 146 -3.61 3.83 10.68
C SER A 146 -2.99 3.28 9.38
N ALA A 147 -1.74 2.84 9.49
CA ALA A 147 -1.03 2.23 8.37
C ALA A 147 -1.76 0.99 7.88
N ILE A 148 -2.09 0.08 8.79
CA ILE A 148 -2.83 -1.12 8.38
C ILE A 148 -4.17 -0.77 7.76
N PHE A 149 -4.88 0.19 8.34
CA PHE A 149 -6.22 0.61 7.87
C PHE A 149 -6.11 1.02 6.38
N GLN A 150 -5.01 1.65 6.02
CA GLN A 150 -4.81 2.16 4.64
C GLN A 150 -4.52 1.10 3.58
N VAL A 151 -3.99 -0.06 3.99
CA VAL A 151 -3.67 -1.15 3.06
C VAL A 151 -4.43 -2.47 3.29
N MET A 152 -5.26 -2.54 4.33
CA MET A 152 -5.90 -3.81 4.70
C MET A 152 -6.83 -4.27 3.59
N GLU A 153 -6.91 -5.58 3.39
CA GLU A 153 -7.94 -6.17 2.54
C GLU A 153 -8.40 -7.50 3.16
N PRO A 154 -9.51 -8.07 2.65
CA PRO A 154 -10.16 -9.23 3.25
C PRO A 154 -9.30 -10.48 3.31
N GLU A 155 -8.48 -10.75 2.30
CA GLU A 155 -7.66 -11.95 2.39
C GLU A 155 -6.20 -11.59 2.53
N VAL A 156 -5.68 -11.77 3.74
CA VAL A 156 -4.28 -11.51 3.97
C VAL A 156 -3.66 -12.77 4.51
N GLU A 157 -2.36 -12.86 4.33
CA GLU A 157 -1.61 -13.96 4.84
C GLU A 157 -1.12 -13.55 6.25
N LYS A 158 -0.57 -12.35 6.37
CA LYS A 158 0.04 -11.83 7.62
C LYS A 158 -0.11 -10.31 7.66
N VAL A 159 -0.38 -9.79 8.86
CA VAL A 159 -0.33 -8.36 9.15
C VAL A 159 0.92 -8.16 10.00
N VAL A 160 1.77 -7.23 9.58
CA VAL A 160 3.03 -7.00 10.29
C VAL A 160 2.95 -5.64 10.93
N LEU A 161 3.10 -5.64 12.26
CA LEU A 161 3.28 -4.44 13.04
C LEU A 161 4.75 -4.29 13.34
N THR A 162 5.25 -3.07 13.38
CA THR A 162 6.66 -2.86 13.67
C THR A 162 6.78 -2.20 15.04
N ALA A 163 7.90 -2.41 15.72
CA ALA A 163 8.13 -1.85 17.04
C ALA A 163 9.55 -1.30 17.09
N SER A 164 9.74 -0.15 17.72
CA SER A 164 11.07 0.44 17.95
C SER A 164 11.98 -0.41 18.80
N GLY A 165 11.42 -1.21 19.71
CA GLY A 165 12.19 -2.02 20.66
C GLY A 165 12.45 -1.31 21.97
N GLY A 166 12.05 -0.03 22.01
CA GLY A 166 12.15 0.80 23.20
C GLY A 166 13.55 1.25 23.57
N ALA A 167 13.60 2.08 24.61
CA ALA A 167 14.82 2.70 25.12
C ALA A 167 15.96 1.76 25.48
N LEU A 168 15.63 0.50 25.80
CA LEU A 168 16.65 -0.48 26.20
C LEU A 168 16.89 -1.57 25.17
N ARG A 169 16.54 -1.27 23.92
CA ARG A 169 16.71 -2.24 22.83
C ARG A 169 18.15 -2.68 22.63
N ASP A 170 19.08 -1.80 22.97
CA ASP A 170 20.50 -2.08 22.76
C ASP A 170 21.18 -2.73 23.97
N TRP A 171 20.79 -2.34 25.18
CA TRP A 171 21.33 -2.95 26.42
C TRP A 171 21.27 -4.47 26.36
N LYS A 172 22.20 -5.13 27.04
CA LYS A 172 22.19 -6.60 27.13
C LYS A 172 21.29 -7.09 28.27
N ILE A 173 20.89 -8.37 28.18
CA ILE A 173 19.81 -8.94 29.01
C ILE A 173 19.99 -8.68 30.49
N SER A 174 21.15 -9.08 31.02
CA SER A 174 21.47 -8.97 32.46
C SER A 174 21.37 -7.57 33.04
N LYS A 175 21.63 -6.55 32.22
CA LYS A 175 21.58 -5.16 32.68
C LYS A 175 20.17 -4.53 32.72
N ILE A 176 19.23 -5.14 32.01
CA ILE A 176 17.86 -4.60 31.90
C ILE A 176 17.05 -4.66 33.21
N ASP A 177 17.12 -5.78 33.93
CA ASP A 177 16.45 -5.92 35.24
C ASP A 177 16.68 -4.70 36.13
N ARG A 178 17.92 -4.22 36.18
CA ARG A 178 18.31 -3.18 37.13
C ARG A 178 18.01 -1.75 36.71
N ALA A 179 17.57 -1.57 35.46
CA ALA A 179 17.37 -0.23 34.87
C ALA A 179 16.44 0.67 35.67
N ARG A 180 16.77 1.97 35.67
CA ARG A 180 16.02 3.00 36.39
C ARG A 180 15.24 3.86 35.40
N PRO A 181 14.30 4.68 35.90
CA PRO A 181 13.61 5.64 35.03
C PRO A 181 14.55 6.53 34.19
N GLU A 182 15.72 6.86 34.73
CA GLU A 182 16.68 7.73 34.05
C GLU A 182 17.40 6.99 32.92
N ASP A 183 16.83 5.86 32.50
CA ASP A 183 17.44 5.06 31.46
C ASP A 183 16.40 4.62 30.47
N VAL A 184 15.13 4.85 30.83
CA VAL A 184 14.02 4.42 30.01
C VAL A 184 13.44 5.62 29.28
N LEU A 185 13.63 6.80 29.85
CA LEU A 185 13.25 8.03 29.18
C LEU A 185 14.50 8.65 28.54
N LYS A 186 14.63 8.59 27.22
CA LYS A 186 13.69 7.94 26.29
C LYS A 186 14.41 7.93 24.95
N HIS A 187 13.79 7.43 23.87
CA HIS A 187 12.59 6.62 23.88
C HIS A 187 12.81 5.43 22.94
N PRO A 188 13.56 5.63 21.83
CA PRO A 188 14.08 6.88 21.27
C PRO A 188 13.50 7.22 19.88
N VAL A 189 12.21 6.98 19.64
CA VAL A 189 11.66 7.16 18.29
C VAL A 189 10.48 8.13 18.27
N TRP A 190 9.65 8.07 19.31
CA TRP A 190 8.42 8.86 19.39
C TRP A 190 8.42 9.81 20.57
N ASN A 191 7.75 10.95 20.39
CA ASN A 191 7.56 11.93 21.47
C ASN A 191 6.23 11.72 22.20
N MET A 192 6.28 10.94 23.28
CA MET A 192 5.06 10.48 23.94
C MET A 192 5.10 10.65 25.47
N GLY A 193 3.93 10.52 26.10
CA GLY A 193 3.81 10.52 27.57
C GLY A 193 4.72 9.52 28.28
N ALA A 194 4.94 9.74 29.57
CA ALA A 194 5.87 8.90 30.34
C ALA A 194 5.50 7.40 30.36
N ARG A 195 4.20 7.09 30.41
CA ARG A 195 3.74 5.70 30.46
C ARG A 195 4.04 4.95 29.15
N ILE A 196 3.77 5.59 28.02
CA ILE A 196 3.91 4.92 26.74
C ILE A 196 5.36 4.63 26.50
N THR A 197 6.21 5.52 26.97
CA THR A 197 7.64 5.31 26.87
C THR A 197 8.08 4.06 27.64
N VAL A 198 7.54 3.86 28.84
CA VAL A 198 7.88 2.63 29.59
C VAL A 198 7.29 1.41 28.88
N ASP A 199 6.03 1.54 28.45
CA ASP A 199 5.35 0.50 27.69
C ASP A 199 6.10 0.08 26.40
N SER A 200 6.79 1.00 25.73
CA SER A 200 7.57 0.63 24.51
C SER A 200 8.82 -0.14 24.86
N ALA A 201 9.38 0.18 26.02
CA ALA A 201 10.58 -0.50 26.52
C ALA A 201 10.32 -1.95 26.97
N THR A 202 9.14 -2.20 27.54
CA THR A 202 8.71 -3.57 27.91
C THR A 202 8.00 -4.27 26.77
N MET A 203 7.62 -3.48 25.76
CA MET A 203 6.76 -3.94 24.65
C MET A 203 5.34 -4.33 25.05
N VAL A 204 4.92 -3.85 26.22
CA VAL A 204 3.53 -3.93 26.59
C VAL A 204 2.70 -3.11 25.61
N ASN A 205 3.25 -2.01 25.12
CA ASN A 205 2.50 -1.22 24.14
C ASN A 205 2.20 -2.00 22.89
N LYS A 206 3.19 -2.73 22.42
CA LYS A 206 3.00 -3.56 21.26
C LYS A 206 2.04 -4.70 21.51
N ALA A 207 2.05 -5.27 22.73
CA ALA A 207 1.04 -6.27 23.12
C ALA A 207 -0.37 -5.67 23.02
N PHE A 208 -0.53 -4.45 23.51
CA PHE A 208 -1.84 -3.79 23.35
C PHE A 208 -2.21 -3.66 21.86
N GLU A 209 -1.23 -3.30 21.03
CA GLU A 209 -1.51 -3.05 19.60
C GLU A 209 -1.92 -4.30 18.84
N VAL A 210 -1.36 -5.44 19.21
CA VAL A 210 -1.77 -6.73 18.65
C VAL A 210 -3.23 -7.02 18.96
N LEU A 211 -3.63 -6.88 20.22
CA LEU A 211 -5.01 -7.06 20.62
C LEU A 211 -5.91 -6.03 19.94
N GLU A 212 -5.44 -4.81 19.82
CA GLU A 212 -6.23 -3.77 19.11
C GLU A 212 -6.45 -4.10 17.63
N ALA A 213 -5.41 -4.61 16.98
CA ALA A 213 -5.46 -5.03 15.57
C ALA A 213 -6.40 -6.22 15.37
N MET A 214 -6.44 -7.13 16.35
CA MET A 214 -7.38 -8.24 16.29
C MET A 214 -8.83 -7.76 16.33
N GLU A 215 -9.12 -6.81 17.24
CA GLU A 215 -10.45 -6.22 17.35
C GLU A 215 -10.82 -5.40 16.12
N LEU A 216 -9.94 -4.48 15.71
CA LEU A 216 -10.24 -3.53 14.64
C LEU A 216 -10.41 -4.24 13.31
N PHE A 217 -9.55 -5.22 13.01
CA PHE A 217 -9.51 -5.80 11.67
C PHE A 217 -9.98 -7.27 11.62
N GLU A 218 -10.63 -7.72 12.70
CA GLU A 218 -11.12 -9.10 12.88
C GLU A 218 -10.10 -10.15 12.47
N LEU A 219 -8.86 -9.95 12.89
CA LEU A 219 -7.76 -10.84 12.56
C LEU A 219 -7.60 -11.88 13.62
N PRO A 220 -7.41 -13.16 13.22
CA PRO A 220 -7.03 -14.11 14.25
C PRO A 220 -5.63 -13.79 14.75
N PHE A 221 -5.36 -14.14 16.00
CA PHE A 221 -4.05 -13.94 16.58
C PHE A 221 -2.93 -14.45 15.68
N GLU A 222 -3.15 -15.59 15.06
CA GLU A 222 -2.12 -16.25 14.28
C GLU A 222 -1.76 -15.53 12.97
N LYS A 223 -2.57 -14.54 12.57
CA LYS A 223 -2.25 -13.79 11.34
C LYS A 223 -1.48 -12.51 11.59
N ILE A 224 -1.14 -12.23 12.85
CA ILE A 224 -0.42 -11.03 13.22
C ILE A 224 1.04 -11.38 13.53
N GLU A 225 1.98 -10.57 13.07
CA GLU A 225 3.36 -10.72 13.51
C GLU A 225 3.95 -9.37 13.84
N VAL A 226 4.86 -9.35 14.79
CA VAL A 226 5.48 -8.12 15.22
C VAL A 226 6.98 -8.22 14.92
N LYS A 227 7.54 -7.18 14.33
CA LYS A 227 8.98 -7.15 14.07
C LYS A 227 9.55 -5.91 14.70
N ILE A 228 10.75 -6.04 15.26
CA ILE A 228 11.51 -4.86 15.68
C ILE A 228 12.11 -4.24 14.44
N HIS A 229 11.95 -2.93 14.32
CA HIS A 229 12.29 -2.20 13.11
C HIS A 229 12.94 -0.92 13.56
N ARG A 230 14.27 -0.92 13.63
CA ARG A 230 15.05 0.14 14.27
C ARG A 230 14.72 1.53 13.79
N GLU A 231 14.72 1.71 12.47
CA GLU A 231 14.57 3.04 11.86
C GLU A 231 13.20 3.72 11.97
N GLY A 232 12.16 2.93 12.23
CA GLY A 232 10.84 3.48 12.50
C GLY A 232 10.19 4.17 11.32
N LEU A 233 10.54 3.71 10.12
CA LEU A 233 9.96 4.22 8.85
C LEU A 233 8.71 3.47 8.40
N VAL A 234 8.79 2.15 8.39
CA VAL A 234 7.65 1.27 8.07
C VAL A 234 6.75 1.17 9.29
N HIS A 235 5.49 1.61 9.15
CA HIS A 235 4.53 1.56 10.27
C HIS A 235 3.61 0.37 10.25
N GLY A 236 3.48 -0.29 9.11
CA GLY A 236 2.66 -1.48 9.03
C GLY A 236 2.82 -2.06 7.65
N ALA A 237 2.60 -3.36 7.54
CA ALA A 237 2.66 -4.03 6.25
C ALA A 237 1.63 -5.15 6.25
N VAL A 238 1.08 -5.43 5.08
CA VAL A 238 0.21 -6.58 4.92
C VAL A 238 0.83 -7.46 3.85
N VAL A 239 1.00 -8.72 4.21
CA VAL A 239 1.54 -9.77 3.35
C VAL A 239 0.35 -10.52 2.77
N LEU A 240 0.26 -10.55 1.44
CA LEU A 240 -0.89 -11.13 0.77
C LEU A 240 -0.53 -12.51 0.30
N PRO A 241 -1.53 -13.37 0.01
CA PRO A 241 -1.29 -14.78 -0.40
C PRO A 241 -0.53 -14.94 -1.73
N ASP A 242 -0.49 -13.89 -2.57
CA ASP A 242 0.16 -13.98 -3.89
C ASP A 242 1.65 -13.60 -3.98
N GLY A 243 2.25 -13.15 -2.89
CA GLY A 243 3.63 -12.63 -2.94
C GLY A 243 3.75 -11.11 -2.86
N ASN A 244 2.64 -10.41 -3.07
CA ASN A 244 2.65 -8.95 -2.94
C ASN A 244 2.72 -8.61 -1.44
N VAL A 245 3.42 -7.54 -1.10
CA VAL A 245 3.39 -6.93 0.24
C VAL A 245 3.08 -5.46 0.08
N LYS A 246 2.02 -4.98 0.75
CA LYS A 246 1.71 -3.54 0.79
C LYS A 246 2.26 -3.00 2.11
N MET A 247 3.11 -1.98 2.01
CA MET A 247 3.74 -1.39 3.18
C MET A 247 3.40 0.08 3.21
N VAL A 248 3.33 0.64 4.41
CA VAL A 248 3.12 2.07 4.58
C VAL A 248 4.36 2.66 5.27
N VAL A 249 4.93 3.70 4.66
CA VAL A 249 6.08 4.38 5.22
C VAL A 249 5.70 5.83 5.51
N SER A 250 6.22 6.40 6.60
CA SER A 250 6.03 7.82 6.86
C SER A 250 7.02 8.31 7.91
N PRO A 251 7.20 9.65 8.01
CA PRO A 251 7.97 10.16 9.15
C PRO A 251 7.24 9.79 10.45
N PRO A 252 7.97 9.67 11.59
CA PRO A 252 7.31 9.26 12.80
C PRO A 252 6.67 10.46 13.50
N ASP A 253 5.57 10.97 12.95
CA ASP A 253 4.94 12.17 13.52
C ASP A 253 3.46 11.84 13.61
N MET A 254 2.91 11.85 14.83
CA MET A 254 1.50 11.47 15.05
C MET A 254 0.53 12.45 14.40
N ARG A 255 1.00 13.63 14.00
CA ARG A 255 0.08 14.56 13.31
C ARG A 255 -0.43 13.99 11.97
N ILE A 256 0.34 13.06 11.40
CA ILE A 256 0.01 12.37 10.16
C ILE A 256 -1.24 11.46 10.30
N PRO A 257 -1.19 10.42 11.19
CA PRO A 257 -2.40 9.61 11.38
C PRO A 257 -3.57 10.35 12.04
N ILE A 258 -3.27 11.35 12.84
CA ILE A 258 -4.34 12.26 13.36
C ILE A 258 -5.09 12.92 12.21
N SER A 259 -4.34 13.55 11.30
CA SER A 259 -4.94 14.28 10.18
C SER A 259 -5.75 13.33 9.32
N TYR A 260 -5.22 12.12 9.11
CA TYR A 260 -5.92 11.11 8.31
C TYR A 260 -7.27 10.71 8.87
N ALA A 261 -7.30 10.44 10.18
CA ALA A 261 -8.53 10.06 10.83
C ALA A 261 -9.54 11.22 10.85
N LEU A 262 -9.07 12.45 11.06
CA LEU A 262 -9.97 13.61 11.06
C LEU A 262 -10.56 13.91 9.67
N PHE A 263 -9.72 13.80 8.62
CA PHE A 263 -10.14 14.30 7.30
C PHE A 263 -10.55 13.24 6.31
N TYR A 264 -10.40 11.96 6.70
CA TYR A 264 -10.74 10.85 5.80
C TYR A 264 -12.14 11.09 5.22
N PRO A 265 -12.36 10.82 3.91
CA PRO A 265 -11.49 10.22 2.90
C PRO A 265 -10.52 11.21 2.23
N ARG A 266 -10.50 12.47 2.64
CA ARG A 266 -9.57 13.42 2.06
C ARG A 266 -8.16 13.20 2.64
N ARG A 267 -7.14 13.48 1.84
CA ARG A 267 -5.75 13.48 2.30
C ARG A 267 -5.40 14.93 2.54
N VAL A 268 -4.86 15.23 3.70
CA VAL A 268 -4.43 16.58 4.06
C VAL A 268 -3.05 16.90 3.50
N ALA A 269 -2.84 18.14 3.06
CA ALA A 269 -1.52 18.57 2.59
C ALA A 269 -0.64 18.96 3.77
N LEU A 270 0.29 18.09 4.13
CA LEU A 270 1.25 18.41 5.17
C LEU A 270 2.59 18.50 4.47
N GLU A 271 3.47 17.55 4.69
CA GLU A 271 4.71 17.53 3.91
C GLU A 271 4.99 16.14 3.37
N PRO A 272 5.03 16.02 2.04
CA PRO A 272 5.24 14.73 1.38
C PRO A 272 6.60 14.15 1.73
N PHE A 273 6.67 12.82 1.82
CA PHE A 273 7.86 12.12 2.25
C PHE A 273 8.59 11.64 1.02
N PHE A 274 9.72 12.24 0.70
CA PHE A 274 10.29 11.90 -0.59
C PHE A 274 11.26 10.77 -0.58
N LEU A 275 11.00 9.82 -1.50
CA LEU A 275 11.75 8.57 -1.62
C LEU A 275 13.25 8.80 -1.75
N ARG A 276 14.03 8.09 -0.93
CA ARG A 276 15.47 8.09 -1.08
C ARG A 276 16.03 6.76 -0.58
N THR A 277 17.32 6.52 -0.80
CA THR A 277 17.96 5.29 -0.37
C THR A 277 17.84 5.19 1.15
N ILE A 278 17.58 3.97 1.61
CA ILE A 278 16.94 3.77 2.91
C ILE A 278 17.27 2.39 3.45
N SER A 279 17.24 2.27 4.78
CA SER A 279 17.64 1.04 5.46
C SER A 279 16.44 0.49 6.21
N LEU A 280 16.06 -0.75 5.90
CA LEU A 280 14.89 -1.33 6.53
C LEU A 280 15.24 -2.65 7.17
N SER A 281 15.39 -2.64 8.50
CA SER A 281 15.68 -3.86 9.25
C SER A 281 14.44 -4.37 10.01
N PHE A 282 14.23 -5.68 9.96
CA PHE A 282 13.14 -6.36 10.65
C PHE A 282 13.66 -7.60 11.40
N GLU A 283 13.54 -7.60 12.73
CA GLU A 283 13.91 -8.77 13.53
C GLU A 283 12.83 -9.20 14.51
N ASP A 284 12.90 -10.47 14.91
CA ASP A 284 11.99 -10.99 15.92
C ASP A 284 12.37 -10.44 17.29
N PRO A 285 11.36 -10.03 18.10
CA PRO A 285 11.63 -9.66 19.49
C PRO A 285 12.16 -10.88 20.29
N ASP A 286 13.19 -10.64 21.09
CA ASP A 286 13.79 -11.69 21.94
C ASP A 286 12.90 -11.89 23.15
N PRO A 287 12.35 -13.12 23.33
CA PRO A 287 11.50 -13.43 24.50
C PRO A 287 12.17 -13.16 25.85
N GLU A 288 13.49 -13.23 25.89
CA GLU A 288 14.25 -13.01 27.11
C GLU A 288 14.36 -11.52 27.42
N LYS A 289 14.25 -10.67 26.40
CA LYS A 289 14.30 -9.23 26.59
C LYS A 289 12.93 -8.62 26.85
N TYR A 290 11.89 -9.22 26.28
CA TYR A 290 10.52 -8.67 26.37
C TYR A 290 9.50 -9.65 26.90
N PRO A 291 9.68 -10.15 28.15
CA PRO A 291 8.81 -11.22 28.64
C PRO A 291 7.32 -10.86 28.74
N ALA A 292 6.98 -9.62 29.11
CA ALA A 292 5.57 -9.22 29.20
C ALA A 292 4.84 -9.28 27.83
N PHE A 293 5.53 -8.88 26.77
CA PHE A 293 5.02 -9.01 25.40
C PHE A 293 4.55 -10.43 25.09
N PHE A 294 5.36 -11.41 25.50
CA PHE A 294 5.05 -12.80 25.20
C PHE A 294 3.94 -13.44 26.07
N LEU A 295 3.37 -12.65 26.97
CA LEU A 295 2.18 -13.06 27.68
C LEU A 295 0.90 -13.02 26.83
N LEU A 296 0.99 -12.49 25.59
CA LEU A 296 -0.16 -12.38 24.69
C LEU A 296 -0.90 -13.69 24.46
N LYS A 297 -0.16 -14.74 24.16
CA LYS A 297 -0.75 -16.04 23.88
C LYS A 297 -1.60 -16.53 25.06
N GLU A 298 -1.11 -16.27 26.27
CA GLU A 298 -1.80 -16.62 27.51
C GLU A 298 -3.12 -15.86 27.73
N ILE A 299 -3.19 -14.60 27.27
CA ILE A 299 -4.30 -13.70 27.65
C ILE A 299 -5.29 -13.38 26.54
N LYS A 300 -4.88 -13.55 25.29
CA LYS A 300 -5.62 -13.02 24.13
C LYS A 300 -7.10 -13.37 24.10
N ASP A 301 -7.44 -14.57 24.59
CA ASP A 301 -8.81 -15.09 24.45
C ASP A 301 -9.72 -14.65 25.61
N SER A 302 -9.13 -14.02 26.63
CA SER A 302 -9.89 -13.63 27.82
C SER A 302 -9.85 -12.14 28.14
N TYR A 303 -11.02 -11.50 28.12
CA TYR A 303 -11.14 -10.08 28.46
C TYR A 303 -10.88 -9.87 29.94
N ALA A 304 -11.07 -10.93 30.74
CA ALA A 304 -10.70 -10.84 32.14
C ALA A 304 -9.19 -10.70 32.31
N LEU A 305 -8.43 -11.57 31.63
CA LEU A 305 -6.96 -11.52 31.64
C LEU A 305 -6.38 -10.31 30.94
N ARG A 306 -6.98 -9.92 29.82
CA ARG A 306 -6.58 -8.67 29.11
C ARG A 306 -6.77 -7.44 30.00
N THR A 307 -7.89 -7.37 30.70
CA THR A 307 -8.17 -6.26 31.62
C THR A 307 -7.20 -6.30 32.81
N ALA A 308 -6.94 -7.48 33.33
CA ALA A 308 -5.96 -7.63 34.45
C ALA A 308 -4.57 -7.24 33.98
N PHE A 309 -4.19 -7.65 32.77
CA PHE A 309 -2.90 -7.30 32.16
C PHE A 309 -2.72 -5.78 32.13
N ASN A 310 -3.76 -5.08 31.68
CA ASN A 310 -3.67 -3.63 31.56
C ASN A 310 -3.60 -2.97 32.92
N ALA A 311 -4.49 -3.37 33.81
CA ALA A 311 -4.48 -2.89 35.21
C ALA A 311 -3.12 -3.07 35.93
N ALA A 312 -2.54 -4.27 35.85
CA ALA A 312 -1.24 -4.55 36.46
C ALA A 312 -0.11 -3.71 35.85
N ASP A 313 -0.18 -3.52 34.55
CA ASP A 313 0.80 -2.69 33.89
C ASP A 313 0.66 -1.23 34.36
N GLU A 314 -0.56 -0.72 34.51
CA GLU A 314 -0.76 0.65 35.01
C GLU A 314 -0.14 0.82 36.41
N VAL A 315 -0.42 -0.14 37.31
CA VAL A 315 0.18 -0.11 38.66
C VAL A 315 1.71 -0.26 38.64
N ALA A 316 2.24 -1.21 37.88
CA ALA A 316 3.70 -1.41 37.85
C ALA A 316 4.51 -0.24 37.27
N VAL A 317 3.97 0.42 36.23
CA VAL A 317 4.68 1.52 35.57
C VAL A 317 4.76 2.71 36.52
N GLU A 318 3.63 3.09 37.08
CA GLU A 318 3.51 4.08 38.17
C GLU A 318 4.53 3.76 39.28
N ALA A 319 4.53 2.51 39.77
CA ALA A 319 5.45 2.11 40.85
C ALA A 319 6.90 2.27 40.41
N PHE A 320 7.19 1.85 39.18
CA PHE A 320 8.52 2.02 38.60
C PHE A 320 8.89 3.50 38.51
N LEU A 321 7.95 4.32 38.04
CA LEU A 321 8.21 5.76 37.88
C LEU A 321 8.44 6.46 39.22
N LYS A 322 7.94 5.87 40.30
CA LYS A 322 8.00 6.45 41.64
C LYS A 322 9.10 5.83 42.49
N GLY A 323 9.90 4.98 41.85
CA GLY A 323 11.12 4.43 42.44
C GLY A 323 11.00 3.16 43.26
N ARG A 324 9.78 2.63 43.39
CA ARG A 324 9.51 1.48 44.28
C ARG A 324 10.10 0.19 43.75
N ILE A 325 10.06 0.02 42.43
CA ILE A 325 10.62 -1.19 41.80
C ILE A 325 11.57 -0.78 40.69
N ARG A 326 12.46 -1.67 40.31
CA ARG A 326 13.28 -1.44 39.14
C ARG A 326 12.63 -2.05 37.91
N PHE A 327 13.20 -1.73 36.77
CA PHE A 327 12.59 -2.08 35.50
C PHE A 327 12.15 -3.54 35.42
N GLY A 328 13.02 -4.46 35.81
CA GLY A 328 12.71 -5.90 35.78
C GLY A 328 11.53 -6.32 36.65
N GLY A 329 11.09 -5.43 37.53
CA GLY A 329 9.93 -5.70 38.38
C GLY A 329 8.60 -5.53 37.65
N ILE A 330 8.59 -4.78 36.56
CA ILE A 330 7.34 -4.55 35.81
C ILE A 330 6.72 -5.85 35.29
N HIS A 331 7.46 -6.63 34.51
CA HIS A 331 6.91 -7.86 33.97
C HIS A 331 6.53 -8.87 35.08
N ARG A 332 7.25 -8.83 36.21
CA ARG A 332 6.94 -9.71 37.37
C ARG A 332 5.62 -9.39 38.02
N VAL A 333 5.34 -8.10 38.24
CA VAL A 333 4.05 -7.67 38.74
C VAL A 333 2.91 -8.13 37.82
N ILE A 334 3.08 -7.93 36.51
CA ILE A 334 2.08 -8.38 35.55
C ILE A 334 1.87 -9.90 35.63
N GLU A 335 2.97 -10.66 35.56
CA GLU A 335 2.91 -12.11 35.59
C GLU A 335 2.21 -12.61 36.84
N LYS A 336 2.64 -12.11 37.99
CA LYS A 336 2.09 -12.56 39.28
C LYS A 336 0.63 -12.15 39.45
N THR A 337 0.27 -10.98 38.93
CA THR A 337 -1.14 -10.55 38.95
C THR A 337 -2.01 -11.42 38.05
N LEU A 338 -1.51 -11.76 36.86
CA LEU A 338 -2.28 -12.61 35.96
C LEU A 338 -2.60 -13.96 36.61
N GLU A 339 -1.66 -14.48 37.41
CA GLU A 339 -1.86 -15.79 38.05
C GLU A 339 -3.11 -15.81 38.89
N GLU A 340 -3.44 -14.67 39.49
CA GLU A 340 -4.58 -14.60 40.39
C GLU A 340 -5.94 -14.51 39.67
N PHE A 341 -5.92 -14.43 38.34
CA PHE A 341 -7.15 -14.27 37.57
C PHE A 341 -7.39 -15.47 36.68
N GLN A 342 -6.60 -16.51 36.85
CA GLN A 342 -6.84 -17.72 36.07
C GLN A 342 -8.14 -18.38 36.54
N GLY A 343 -8.94 -18.80 35.59
CA GLY A 343 -10.27 -19.32 35.89
C GLY A 343 -11.39 -18.30 35.98
N TYR A 344 -11.09 -17.01 35.83
CA TYR A 344 -12.17 -16.03 35.86
C TYR A 344 -13.05 -16.24 34.63
N PRO A 345 -14.38 -16.09 34.79
CA PRO A 345 -15.28 -16.20 33.66
C PRO A 345 -15.10 -15.01 32.70
N GLN A 346 -15.50 -15.19 31.45
CA GLN A 346 -15.47 -14.13 30.44
C GLN A 346 -16.44 -13.01 30.87
N PRO A 347 -15.96 -11.77 31.00
CA PRO A 347 -16.91 -10.70 31.33
C PRO A 347 -18.02 -10.55 30.26
N ARG A 348 -19.21 -10.12 30.65
CA ARG A 348 -20.32 -9.96 29.69
C ARG A 348 -20.83 -8.52 29.58
N THR A 349 -20.48 -7.70 30.55
CA THR A 349 -20.99 -6.33 30.60
C THR A 349 -19.86 -5.40 30.98
N LEU A 350 -20.12 -4.11 30.81
CA LEU A 350 -19.22 -3.04 31.22
C LEU A 350 -18.93 -3.08 32.71
N ASP A 351 -19.96 -3.35 33.51
CA ASP A 351 -19.77 -3.48 34.96
C ASP A 351 -18.83 -4.63 35.34
N ASP A 352 -18.96 -5.77 34.65
CA ASP A 352 -18.03 -6.89 34.85
C ASP A 352 -16.57 -6.47 34.60
N VAL A 353 -16.35 -5.79 33.48
CA VAL A 353 -15.01 -5.36 33.12
C VAL A 353 -14.47 -4.40 34.16
N GLU A 354 -15.31 -3.45 34.58
CA GLU A 354 -14.90 -2.47 35.57
C GLU A 354 -14.54 -3.10 36.91
N ARG A 355 -15.29 -4.14 37.31
CA ARG A 355 -14.99 -4.88 38.56
C ARG A 355 -13.65 -5.62 38.49
N ILE A 356 -13.34 -6.20 37.32
CA ILE A 356 -12.05 -6.91 37.17
C ILE A 356 -10.93 -5.88 37.26
N HIS A 357 -11.10 -4.76 36.59
CA HIS A 357 -10.08 -3.73 36.57
C HIS A 357 -9.69 -3.27 37.99
N PHE A 358 -10.69 -2.98 38.81
CA PHE A 358 -10.41 -2.51 40.18
C PHE A 358 -9.85 -3.61 41.10
N GLU A 359 -10.33 -4.84 40.94
CA GLU A 359 -9.75 -5.98 41.67
C GLU A 359 -8.30 -6.22 41.23
N ALA A 360 -8.02 -6.06 39.93
CA ALA A 360 -6.66 -6.27 39.46
C ALA A 360 -5.71 -5.18 39.91
N ILE A 361 -6.20 -3.95 40.01
CA ILE A 361 -5.38 -2.85 40.52
C ILE A 361 -5.01 -3.19 41.97
N LYS A 362 -5.99 -3.62 42.72
CA LYS A 362 -5.79 -4.04 44.12
C LYS A 362 -4.73 -5.14 44.25
N LYS A 363 -4.91 -6.24 43.52
CA LYS A 363 -3.92 -7.33 43.51
C LYS A 363 -2.53 -6.91 43.06
N ALA A 364 -2.44 -6.09 42.01
CA ALA A 364 -1.15 -5.67 41.51
C ALA A 364 -0.41 -4.80 42.51
N GLU A 365 -1.14 -3.98 43.24
CA GLU A 365 -0.55 -3.17 44.29
C GLU A 365 0.03 -4.06 45.39
N ARG A 366 -0.69 -5.10 45.79
CA ARG A 366 -0.15 -6.05 46.79
C ARG A 366 1.14 -6.70 46.30
N VAL A 367 1.18 -7.07 45.02
CA VAL A 367 2.37 -7.70 44.44
C VAL A 367 3.54 -6.73 44.41
N THR A 368 3.26 -5.49 44.01
CA THR A 368 4.26 -4.42 43.98
C THR A 368 4.87 -4.18 45.37
N GLU A 369 4.02 -4.14 46.39
CA GLU A 369 4.49 -4.02 47.77
C GLU A 369 5.49 -5.12 48.12
N TRP A 370 5.17 -6.38 47.79
CA TRP A 370 6.11 -7.50 47.96
C TRP A 370 7.44 -7.26 47.25
N LEU A 371 7.38 -6.76 46.01
CA LEU A 371 8.58 -6.56 45.21
C LEU A 371 9.37 -5.31 45.58
N SER A 372 8.74 -4.34 46.21
CA SER A 372 9.42 -3.10 46.61
C SER A 372 10.54 -3.37 47.62
N GLU B 2 -20.42 -19.59 -12.29
CA GLU B 2 -19.31 -19.36 -11.33
C GLU B 2 -17.92 -19.40 -12.00
N GLU B 3 -17.66 -20.46 -12.76
CA GLU B 3 -16.45 -20.54 -13.58
C GLU B 3 -16.45 -19.40 -14.61
N ARG B 4 -15.28 -18.85 -14.88
CA ARG B 4 -15.16 -17.79 -15.87
C ARG B 4 -14.44 -18.32 -17.09
N THR B 5 -14.86 -17.89 -18.27
CA THR B 5 -14.16 -18.28 -19.49
C THR B 5 -13.11 -17.25 -19.88
N LEU B 6 -12.04 -17.73 -20.50
CA LEU B 6 -10.91 -16.87 -20.84
C LEU B 6 -10.53 -17.08 -22.30
N VAL B 7 -10.19 -15.99 -22.99
CA VAL B 7 -9.48 -16.05 -24.27
C VAL B 7 -8.11 -15.43 -24.02
N ILE B 8 -7.05 -16.06 -24.50
CA ILE B 8 -5.71 -15.46 -24.40
C ILE B 8 -5.29 -15.11 -25.83
N LEU B 9 -5.19 -13.81 -26.11
CA LEU B 9 -4.69 -13.37 -27.41
C LEU B 9 -3.19 -13.32 -27.25
N GLY B 10 -2.48 -14.00 -28.14
CA GLY B 10 -1.02 -14.07 -28.06
C GLY B 10 -0.57 -15.12 -27.08
N ALA B 11 -1.19 -16.30 -27.16
CA ALA B 11 -1.02 -17.35 -26.17
C ALA B 11 0.33 -18.01 -26.20
N THR B 12 1.02 -17.90 -27.34
CA THR B 12 2.29 -18.58 -27.57
C THR B 12 3.49 -17.75 -27.14
N GLY B 13 3.25 -16.51 -26.70
CA GLY B 13 4.33 -15.64 -26.23
C GLY B 13 4.71 -15.80 -24.77
N SER B 14 5.58 -14.93 -24.28
CA SER B 14 6.00 -15.01 -22.88
C SER B 14 4.85 -14.83 -21.86
N ILE B 15 4.09 -13.75 -22.01
CA ILE B 15 2.96 -13.51 -21.14
C ILE B 15 1.94 -14.60 -21.28
N GLY B 16 1.61 -14.97 -22.52
CA GLY B 16 0.67 -16.04 -22.78
C GLY B 16 1.02 -17.35 -22.10
N THR B 17 2.27 -17.79 -22.23
CA THR B 17 2.65 -19.06 -21.58
C THR B 17 2.76 -18.98 -20.05
N GLN B 18 3.11 -17.81 -19.51
CA GLN B 18 3.03 -17.59 -18.06
C GLN B 18 1.59 -17.61 -17.54
N THR B 19 0.67 -17.13 -18.36
CA THR B 19 -0.77 -17.18 -18.05
C THR B 19 -1.23 -18.63 -17.99
N LEU B 20 -0.80 -19.41 -18.97
CA LEU B 20 -1.12 -20.84 -19.00
C LEU B 20 -0.58 -21.54 -17.75
N ASP B 21 0.63 -21.19 -17.32
CA ASP B 21 1.23 -21.74 -16.11
C ASP B 21 0.38 -21.44 -14.86
N VAL B 22 -0.11 -20.20 -14.73
CA VAL B 22 -1.07 -19.83 -13.69
C VAL B 22 -2.36 -20.66 -13.73
N LEU B 23 -2.90 -20.88 -14.93
CA LEU B 23 -4.14 -21.66 -15.11
C LEU B 23 -4.03 -23.12 -14.69
N LYS B 24 -2.83 -23.67 -14.78
CA LYS B 24 -2.56 -25.03 -14.35
C LYS B 24 -2.55 -25.16 -12.82
N LYS B 25 -2.34 -24.07 -12.10
CA LYS B 25 -2.21 -24.20 -10.65
C LYS B 25 -3.21 -23.43 -9.77
N VAL B 26 -4.32 -23.02 -10.38
CA VAL B 26 -5.45 -22.40 -9.65
C VAL B 26 -6.72 -22.61 -10.48
N LYS B 27 -7.83 -22.90 -9.81
CA LYS B 27 -9.10 -23.19 -10.47
C LYS B 27 -10.03 -21.98 -10.59
N GLY B 28 -11.03 -22.10 -11.44
CA GLY B 28 -12.07 -21.10 -11.58
C GLY B 28 -12.11 -20.39 -12.93
N ILE B 29 -11.14 -20.69 -13.78
CA ILE B 29 -11.06 -20.07 -15.12
C ILE B 29 -10.85 -21.16 -16.17
N ARG B 30 -11.74 -21.18 -17.17
CA ARG B 30 -11.66 -22.15 -18.27
C ARG B 30 -11.20 -21.44 -19.56
N LEU B 31 -10.05 -21.85 -20.08
CA LEU B 31 -9.55 -21.33 -21.36
C LEU B 31 -10.38 -21.90 -22.51
N ILE B 32 -10.99 -21.03 -23.32
CA ILE B 32 -11.89 -21.46 -24.38
C ILE B 32 -11.42 -21.06 -25.78
N GLY B 33 -10.41 -20.21 -25.84
CA GLY B 33 -9.94 -19.70 -27.14
C GLY B 33 -8.57 -19.09 -27.03
N ILE B 34 -7.80 -19.19 -28.11
CA ILE B 34 -6.49 -18.55 -28.15
C ILE B 34 -6.30 -17.89 -29.52
N SER B 35 -5.40 -16.91 -29.58
CA SER B 35 -4.84 -16.47 -30.86
C SER B 35 -3.34 -16.64 -30.84
N PHE B 36 -2.75 -16.84 -32.01
CA PHE B 36 -1.31 -16.80 -32.16
C PHE B 36 -1.00 -16.28 -33.56
N HIS B 37 0.27 -16.05 -33.84
CA HIS B 37 0.67 -15.41 -35.08
C HIS B 37 1.32 -16.44 -36.03
N SER B 38 2.39 -17.10 -35.59
CA SER B 38 3.04 -18.09 -36.45
C SER B 38 3.61 -19.36 -35.80
N ASN B 39 3.74 -19.36 -34.46
CA ASN B 39 4.32 -20.51 -33.74
C ASN B 39 3.33 -21.67 -33.65
N LEU B 40 3.25 -22.40 -34.76
CA LEU B 40 2.31 -23.51 -34.99
C LEU B 40 2.49 -24.66 -34.02
N GLU B 41 3.76 -24.98 -33.75
CA GLU B 41 4.15 -26.09 -32.91
C GLU B 41 3.68 -25.86 -31.47
N LEU B 42 3.93 -24.67 -30.94
CA LEU B 42 3.48 -24.35 -29.58
C LEU B 42 1.97 -24.21 -29.51
N ALA B 43 1.35 -23.65 -30.54
CA ALA B 43 -0.10 -23.49 -30.56
C ALA B 43 -0.83 -24.85 -30.51
N PHE B 44 -0.33 -25.81 -31.28
CA PHE B 44 -0.96 -27.12 -31.31
C PHE B 44 -0.83 -27.80 -29.96
N LYS B 45 0.31 -27.61 -29.29
CA LYS B 45 0.52 -28.24 -27.99
C LYS B 45 -0.33 -27.60 -26.88
N ILE B 46 -0.56 -26.29 -26.97
CA ILE B 46 -1.51 -25.60 -26.08
C ILE B 46 -2.91 -26.15 -26.33
N VAL B 47 -3.27 -26.27 -27.61
CA VAL B 47 -4.56 -26.81 -28.03
C VAL B 47 -4.78 -28.23 -27.48
N LYS B 48 -3.77 -29.09 -27.59
CA LYS B 48 -3.89 -30.48 -27.12
C LYS B 48 -3.99 -30.51 -25.60
N GLU B 49 -3.06 -29.84 -24.94
CA GLU B 49 -2.95 -29.93 -23.50
C GLU B 49 -4.03 -29.18 -22.71
N PHE B 50 -4.63 -28.16 -23.32
CA PHE B 50 -5.71 -27.39 -22.67
C PHE B 50 -7.09 -27.70 -23.23
N ASN B 51 -7.15 -28.59 -24.23
CA ASN B 51 -8.38 -28.97 -24.92
C ASN B 51 -9.12 -27.76 -25.52
N VAL B 52 -8.36 -26.85 -26.14
CA VAL B 52 -8.93 -25.64 -26.74
C VAL B 52 -9.57 -25.96 -28.09
N LYS B 53 -10.81 -25.51 -28.28
CA LYS B 53 -11.59 -25.76 -29.51
C LYS B 53 -11.66 -24.58 -30.48
N ASN B 54 -11.02 -23.47 -30.13
CA ASN B 54 -11.17 -22.23 -30.88
C ASN B 54 -9.83 -21.54 -31.00
N VAL B 55 -9.44 -21.22 -32.25
CA VAL B 55 -8.15 -20.62 -32.50
C VAL B 55 -8.28 -19.54 -33.57
N ALA B 56 -7.67 -18.39 -33.30
CA ALA B 56 -7.57 -17.31 -34.28
C ALA B 56 -6.11 -17.19 -34.67
N ILE B 57 -5.86 -17.24 -35.97
CA ILE B 57 -4.51 -17.13 -36.47
C ILE B 57 -4.41 -15.75 -37.08
N THR B 58 -3.39 -15.00 -36.69
CA THR B 58 -3.26 -13.63 -37.16
C THR B 58 -2.20 -13.51 -38.26
N GLY B 59 -1.41 -14.58 -38.42
CA GLY B 59 -0.34 -14.61 -39.39
C GLY B 59 -0.76 -15.39 -40.63
N ASP B 60 0.19 -15.63 -41.53
CA ASP B 60 -0.14 -16.29 -42.78
C ASP B 60 0.37 -17.72 -42.69
N VAL B 61 -0.30 -18.52 -41.87
CA VAL B 61 0.10 -19.91 -41.71
C VAL B 61 -1.08 -20.86 -41.86
N GLU B 62 -0.76 -22.12 -42.15
CA GLU B 62 -1.78 -23.15 -42.30
C GLU B 62 -2.01 -23.86 -40.97
N PHE B 63 -3.28 -24.00 -40.60
CA PHE B 63 -3.70 -24.70 -39.38
C PHE B 63 -4.98 -25.46 -39.69
N GLU B 64 -4.80 -26.67 -40.21
CA GLU B 64 -5.89 -27.49 -40.73
C GLU B 64 -5.97 -28.85 -40.00
N ASP B 65 -7.15 -29.31 -39.61
CA ASP B 65 -8.37 -28.50 -39.46
C ASP B 65 -8.75 -28.62 -37.96
N SER B 66 -9.82 -29.28 -37.49
CA SER B 66 -10.86 -30.06 -38.19
C SER B 66 -11.94 -30.35 -37.14
N SER B 67 -11.48 -30.76 -35.95
CA SER B 67 -12.32 -30.89 -34.77
C SER B 67 -12.38 -29.57 -33.98
N ILE B 68 -11.56 -28.60 -34.37
CA ILE B 68 -11.56 -27.27 -33.74
C ILE B 68 -11.98 -26.13 -34.71
N ASN B 69 -12.50 -25.03 -34.15
CA ASN B 69 -12.86 -23.86 -34.94
C ASN B 69 -11.65 -22.98 -35.18
N VAL B 70 -11.36 -22.71 -36.45
CA VAL B 70 -10.18 -21.95 -36.81
C VAL B 70 -10.56 -20.71 -37.62
N TRP B 71 -10.26 -19.54 -37.06
CA TRP B 71 -10.46 -18.25 -37.71
C TRP B 71 -9.13 -17.78 -38.27
N LYS B 72 -9.17 -17.15 -39.44
CA LYS B 72 -7.94 -16.83 -40.17
C LYS B 72 -8.08 -15.47 -40.86
N GLY B 73 -6.97 -14.84 -41.16
CA GLY B 73 -7.00 -13.54 -41.87
C GLY B 73 -6.96 -12.35 -40.93
N SER B 74 -7.22 -11.18 -41.47
CA SER B 74 -7.00 -9.93 -40.74
C SER B 74 -8.07 -9.62 -39.71
N HIS B 75 -9.22 -10.31 -39.80
CA HIS B 75 -10.29 -10.09 -38.84
C HIS B 75 -10.54 -11.25 -37.88
N SER B 76 -9.58 -12.18 -37.81
CA SER B 76 -9.75 -13.41 -37.04
C SER B 76 -9.97 -13.20 -35.53
N ILE B 77 -9.31 -12.21 -34.93
CA ILE B 77 -9.50 -11.99 -33.48
C ILE B 77 -10.90 -11.45 -33.23
N GLU B 78 -11.28 -10.45 -34.02
CA GLU B 78 -12.56 -9.79 -33.86
C GLU B 78 -13.71 -10.76 -34.08
N GLU B 79 -13.55 -11.65 -35.07
CA GLU B 79 -14.56 -12.65 -35.37
C GLU B 79 -14.66 -13.76 -34.31
N MET B 80 -13.53 -14.25 -33.82
CA MET B 80 -13.55 -15.24 -32.75
C MET B 80 -14.15 -14.67 -31.46
N LEU B 81 -13.75 -13.46 -31.07
CA LEU B 81 -14.29 -12.81 -29.87
C LEU B 81 -15.79 -12.56 -29.98
N GLU B 82 -16.25 -12.12 -31.15
CA GLU B 82 -17.69 -11.95 -31.40
C GLU B 82 -18.44 -13.26 -31.19
N ALA B 83 -17.87 -14.38 -31.64
CA ALA B 83 -18.48 -15.70 -31.46
C ALA B 83 -18.39 -16.26 -30.02
N LEU B 84 -17.26 -16.04 -29.35
CA LEU B 84 -17.00 -16.67 -28.05
C LEU B 84 -17.53 -15.89 -26.84
N LYS B 85 -17.59 -14.57 -26.95
CA LYS B 85 -17.97 -13.71 -25.83
C LYS B 85 -17.35 -14.07 -24.48
N PRO B 86 -16.01 -14.09 -24.38
CA PRO B 86 -15.43 -14.63 -23.15
C PRO B 86 -15.75 -13.69 -21.98
N ASP B 87 -15.69 -14.21 -20.76
CA ASP B 87 -15.79 -13.39 -19.57
C ASP B 87 -14.54 -12.48 -19.45
N ILE B 88 -13.38 -13.02 -19.79
CA ILE B 88 -12.08 -12.37 -19.66
C ILE B 88 -11.28 -12.57 -20.94
N THR B 89 -10.60 -11.53 -21.42
CA THR B 89 -9.62 -11.68 -22.50
C THR B 89 -8.31 -11.12 -21.99
N MET B 90 -7.27 -11.93 -22.07
CA MET B 90 -5.91 -11.53 -21.77
C MET B 90 -5.36 -11.07 -23.12
N VAL B 91 -5.05 -9.79 -23.24
CA VAL B 91 -4.50 -9.24 -24.49
C VAL B 91 -2.98 -9.23 -24.38
N ALA B 92 -2.32 -10.27 -24.87
CA ALA B 92 -0.85 -10.32 -24.75
C ALA B 92 -0.14 -10.46 -26.11
N VAL B 93 -0.75 -9.89 -27.15
CA VAL B 93 -0.10 -9.80 -28.45
C VAL B 93 1.02 -8.75 -28.34
N SER B 94 2.07 -8.90 -29.15
CA SER B 94 3.16 -7.92 -29.11
C SER B 94 2.92 -6.91 -30.22
N GLY B 95 3.39 -5.69 -30.00
CA GLY B 95 3.48 -4.75 -31.10
C GLY B 95 2.19 -4.05 -31.41
N PHE B 96 2.18 -3.35 -32.54
CA PHE B 96 1.13 -2.39 -32.84
C PHE B 96 -0.24 -3.02 -33.03
N SER B 97 -0.29 -4.29 -33.44
CA SER B 97 -1.57 -4.95 -33.65
C SER B 97 -2.35 -5.11 -32.34
N GLY B 98 -1.69 -4.87 -31.20
CA GLY B 98 -2.40 -4.89 -29.92
C GLY B 98 -3.44 -3.81 -29.80
N LEU B 99 -3.27 -2.70 -30.51
CA LEU B 99 -4.26 -1.64 -30.48
C LEU B 99 -5.60 -2.18 -31.05
N ARG B 100 -5.59 -2.75 -32.25
CA ARG B 100 -6.81 -3.41 -32.79
C ARG B 100 -7.33 -4.51 -31.84
N ALA B 101 -6.42 -5.33 -31.30
CA ALA B 101 -6.88 -6.45 -30.44
C ALA B 101 -7.57 -5.98 -29.15
N VAL B 102 -7.03 -4.95 -28.51
CA VAL B 102 -7.65 -4.41 -27.29
C VAL B 102 -9.04 -3.86 -27.57
N LEU B 103 -9.18 -3.15 -28.70
CA LEU B 103 -10.47 -2.55 -29.03
C LEU B 103 -11.53 -3.63 -29.27
N ALA B 104 -11.13 -4.67 -30.00
CA ALA B 104 -11.97 -5.86 -30.23
C ALA B 104 -12.35 -6.56 -28.91
N SER B 105 -11.38 -6.70 -28.02
CA SER B 105 -11.60 -7.32 -26.72
C SER B 105 -12.58 -6.52 -25.84
N LEU B 106 -12.45 -5.20 -25.86
CA LEU B 106 -13.35 -4.34 -25.11
C LEU B 106 -14.81 -4.43 -25.61
N GLU B 107 -14.98 -4.80 -26.88
CA GLU B 107 -16.30 -5.02 -27.48
C GLU B 107 -17.03 -6.26 -26.92
N HIS B 108 -16.28 -7.29 -26.56
CA HIS B 108 -16.86 -8.63 -26.33
C HIS B 108 -16.50 -9.33 -25.03
N SER B 109 -15.72 -8.69 -24.17
CA SER B 109 -15.38 -9.28 -22.90
C SER B 109 -15.99 -8.44 -21.80
N LYS B 110 -16.15 -9.06 -20.64
CA LYS B 110 -16.53 -8.35 -19.44
C LYS B 110 -15.31 -7.72 -18.77
N ARG B 111 -14.15 -8.36 -18.94
CA ARG B 111 -12.91 -7.83 -18.37
C ARG B 111 -11.76 -8.03 -19.37
N VAL B 112 -10.97 -6.98 -19.56
CA VAL B 112 -9.76 -7.07 -20.38
C VAL B 112 -8.52 -6.96 -19.49
N CYS B 113 -7.65 -7.97 -19.56
CA CYS B 113 -6.37 -7.94 -18.87
C CYS B 113 -5.36 -7.50 -19.90
N LEU B 114 -4.78 -6.33 -19.66
CA LEU B 114 -3.99 -5.68 -20.69
C LEU B 114 -2.53 -5.87 -20.39
N ALA B 115 -1.87 -6.63 -21.25
CA ALA B 115 -0.42 -6.67 -21.21
C ALA B 115 0.18 -5.72 -22.27
N ASN B 116 -0.45 -5.63 -23.44
CA ASN B 116 0.09 -4.88 -24.59
C ASN B 116 0.27 -3.37 -24.35
N LYS B 117 1.51 -2.89 -24.44
CA LYS B 117 1.82 -1.47 -24.25
C LYS B 117 1.40 -0.53 -25.38
N GLU B 118 1.56 -0.97 -26.63
CA GLU B 118 1.32 -0.13 -27.80
C GLU B 118 -0.08 0.44 -27.82
N SER B 119 -1.05 -0.35 -27.37
CA SER B 119 -2.44 0.09 -27.40
C SER B 119 -2.64 1.42 -26.67
N LEU B 120 -2.01 1.61 -25.50
CA LEU B 120 -2.19 2.88 -24.78
C LEU B 120 -1.21 3.96 -25.20
N VAL B 121 0.01 3.56 -25.56
CA VAL B 121 1.04 4.52 -25.95
C VAL B 121 0.60 5.21 -27.23
N CYS B 122 0.23 4.40 -28.23
CA CYS B 122 -0.20 4.91 -29.53
C CYS B 122 -1.67 5.34 -29.58
N GLY B 123 -2.55 4.59 -28.94
CA GLY B 123 -3.99 4.79 -29.12
C GLY B 123 -4.79 4.90 -27.83
N GLY B 124 -4.15 5.38 -26.77
CA GLY B 124 -4.83 5.53 -25.48
C GLY B 124 -6.18 6.27 -25.54
N PHE B 125 -6.27 7.31 -26.35
CA PHE B 125 -7.52 8.09 -26.43
C PHE B 125 -8.66 7.24 -27.01
N LEU B 126 -8.30 6.34 -27.91
CA LEU B 126 -9.25 5.41 -28.52
C LEU B 126 -9.72 4.36 -27.53
N VAL B 127 -8.80 3.81 -26.75
CA VAL B 127 -9.13 2.82 -25.75
C VAL B 127 -10.04 3.45 -24.68
N LYS B 128 -9.71 4.66 -24.26
CA LYS B 128 -10.49 5.32 -23.22
C LYS B 128 -11.92 5.64 -23.67
N LYS B 129 -12.08 6.04 -24.92
CA LYS B 129 -13.40 6.28 -25.49
C LYS B 129 -14.25 4.99 -25.50
N LYS B 130 -13.67 3.89 -25.93
CA LYS B 130 -14.38 2.60 -25.98
C LYS B 130 -14.70 2.08 -24.58
N LEU B 131 -13.78 2.27 -23.65
CA LEU B 131 -14.00 1.94 -22.24
C LEU B 131 -15.23 2.67 -21.67
N LYS B 132 -15.37 3.95 -21.98
CA LYS B 132 -16.51 4.75 -21.51
C LYS B 132 -17.85 4.25 -22.06
N GLU B 133 -17.89 3.88 -23.34
CA GLU B 133 -19.13 3.45 -23.98
C GLU B 133 -19.60 2.07 -23.49
N LYS B 134 -18.64 1.18 -23.24
CA LYS B 134 -18.94 -0.21 -22.90
C LYS B 134 -19.03 -0.42 -21.39
N GLY B 135 -18.27 0.36 -20.63
CA GLY B 135 -18.17 0.20 -19.19
C GLY B 135 -17.44 -1.07 -18.76
N THR B 136 -16.59 -1.62 -19.63
CA THR B 136 -15.89 -2.88 -19.30
C THR B 136 -14.67 -2.66 -18.37
N GLU B 137 -14.32 -3.68 -17.60
CA GLU B 137 -13.19 -3.61 -16.66
C GLU B 137 -11.88 -3.77 -17.43
N LEU B 138 -10.87 -3.00 -17.07
CA LEU B 138 -9.55 -3.15 -17.69
C LEU B 138 -8.55 -3.14 -16.58
N ILE B 139 -7.81 -4.23 -16.44
CA ILE B 139 -6.83 -4.34 -15.38
C ILE B 139 -5.47 -4.54 -16.00
N PRO B 140 -4.49 -3.69 -15.63
CA PRO B 140 -3.19 -3.86 -16.25
C PRO B 140 -2.45 -5.07 -15.73
N VAL B 141 -1.65 -5.69 -16.60
CA VAL B 141 -0.87 -6.86 -16.23
C VAL B 141 0.60 -6.50 -15.92
N ASP B 142 1.09 -5.40 -16.50
CA ASP B 142 2.46 -4.94 -16.26
C ASP B 142 2.72 -4.84 -14.73
N SER B 143 3.88 -5.28 -14.23
CA SER B 143 4.04 -5.34 -12.76
C SER B 143 4.04 -3.98 -12.08
N GLU B 144 4.54 -2.94 -12.74
CA GLU B 144 4.50 -1.59 -12.13
C GLU B 144 3.07 -1.08 -12.08
N HIS B 145 2.31 -1.28 -13.17
CA HIS B 145 0.92 -0.77 -13.20
C HIS B 145 0.03 -1.56 -12.25
N SER B 146 0.28 -2.85 -12.14
CA SER B 146 -0.45 -3.69 -11.20
C SER B 146 -0.20 -3.18 -9.77
N ALA B 147 1.05 -2.90 -9.45
CA ALA B 147 1.37 -2.33 -8.12
C ALA B 147 0.66 -1.03 -7.84
N ILE B 148 0.70 -0.10 -8.79
CA ILE B 148 0.02 1.19 -8.62
C ILE B 148 -1.49 1.03 -8.50
N PHE B 149 -2.05 0.17 -9.34
CA PHE B 149 -3.48 -0.16 -9.33
C PHE B 149 -3.90 -0.54 -7.90
N GLN B 150 -3.07 -1.32 -7.23
CA GLN B 150 -3.38 -1.79 -5.86
C GLN B 150 -3.33 -0.74 -4.75
N VAL B 151 -2.65 0.38 -4.96
CA VAL B 151 -2.56 1.44 -3.93
C VAL B 151 -3.04 2.83 -4.40
N MET B 152 -3.47 2.94 -5.65
CA MET B 152 -3.86 4.24 -6.22
C MET B 152 -5.01 4.87 -5.44
N GLU B 153 -4.98 6.20 -5.30
CA GLU B 153 -6.16 6.94 -4.85
C GLU B 153 -6.17 8.31 -5.51
N PRO B 154 -7.33 8.98 -5.58
CA PRO B 154 -7.49 10.26 -6.29
C PRO B 154 -6.55 11.38 -5.85
N GLU B 155 -6.21 11.47 -4.57
CA GLU B 155 -5.38 12.60 -4.13
C GLU B 155 -3.87 12.31 -3.96
N VAL B 156 -3.30 11.44 -4.79
CA VAL B 156 -1.83 11.22 -4.74
C VAL B 156 -1.05 12.49 -5.08
N GLU B 157 0.11 12.63 -4.46
CA GLU B 157 1.04 13.70 -4.77
C GLU B 157 1.99 13.24 -5.90
N LYS B 158 2.51 12.02 -5.81
CA LYS B 158 3.39 11.50 -6.84
C LYS B 158 3.16 10.02 -6.95
N VAL B 159 3.11 9.53 -8.18
CA VAL B 159 3.11 8.11 -8.46
C VAL B 159 4.54 7.76 -8.85
N VAL B 160 5.11 6.76 -8.21
CA VAL B 160 6.52 6.44 -8.43
C VAL B 160 6.63 5.10 -9.11
N LEU B 161 7.24 5.07 -10.29
CA LEU B 161 7.51 3.81 -10.99
C LEU B 161 8.97 3.51 -10.78
N THR B 162 9.31 2.26 -10.57
CA THR B 162 10.73 1.94 -10.37
C THR B 162 11.25 1.26 -11.61
N ALA B 163 12.55 1.44 -11.85
CA ALA B 163 13.24 0.89 -13.01
C ALA B 163 14.49 0.21 -12.52
N SER B 164 14.80 -0.94 -13.08
CA SER B 164 16.06 -1.62 -12.80
C SER B 164 17.25 -0.81 -13.26
N GLY B 165 17.07 0.04 -14.27
CA GLY B 165 18.21 0.72 -14.88
C GLY B 165 18.83 -0.04 -16.05
N GLY B 166 18.46 -1.32 -16.19
CA GLY B 166 18.86 -2.11 -17.36
C GLY B 166 20.28 -2.63 -17.25
N ALA B 167 20.70 -3.41 -18.25
CA ALA B 167 21.99 -4.09 -18.23
C ALA B 167 23.20 -3.18 -18.13
N LEU B 168 23.09 -1.93 -18.57
CA LEU B 168 24.27 -1.07 -18.62
C LEU B 168 24.25 -0.04 -17.51
N ARG B 169 23.48 -0.32 -16.45
CA ARG B 169 23.21 0.71 -15.44
C ARG B 169 24.46 1.18 -14.70
N ASP B 170 25.45 0.31 -14.57
CA ASP B 170 26.69 0.62 -13.85
C ASP B 170 27.82 1.01 -14.80
N TRP B 171 27.54 1.05 -16.11
CA TRP B 171 28.56 1.39 -17.09
C TRP B 171 28.86 2.89 -17.15
N LYS B 172 30.10 3.22 -17.49
CA LYS B 172 30.50 4.57 -17.86
C LYS B 172 29.76 5.02 -19.11
N ILE B 173 29.33 6.28 -19.12
CA ILE B 173 28.60 6.86 -20.23
C ILE B 173 29.31 6.74 -21.59
N SER B 174 30.64 6.66 -21.58
CA SER B 174 31.40 6.63 -22.84
C SER B 174 31.43 5.24 -23.46
N LYS B 175 31.31 4.22 -22.61
CA LYS B 175 31.24 2.84 -23.06
C LYS B 175 29.86 2.45 -23.61
N ILE B 176 28.80 3.04 -23.06
CA ILE B 176 27.43 2.72 -23.44
C ILE B 176 27.18 2.87 -24.94
N ASP B 177 27.62 3.97 -25.53
CA ASP B 177 27.35 4.24 -26.96
C ASP B 177 27.76 3.07 -27.85
N ARG B 178 28.85 2.40 -27.48
CA ARG B 178 29.43 1.35 -28.31
C ARG B 178 29.01 -0.07 -27.91
N ALA B 179 28.08 -0.20 -26.96
CA ALA B 179 27.63 -1.50 -26.48
C ALA B 179 27.02 -2.38 -27.58
N ARG B 180 27.15 -3.70 -27.42
CA ARG B 180 26.62 -4.69 -28.39
C ARG B 180 25.48 -5.46 -27.75
N PRO B 181 24.70 -6.21 -28.56
CA PRO B 181 23.63 -7.01 -27.96
C PRO B 181 24.11 -7.98 -26.86
N GLU B 182 25.33 -8.50 -26.99
CA GLU B 182 25.86 -9.40 -25.96
C GLU B 182 26.08 -8.72 -24.63
N ASP B 183 26.27 -7.40 -24.66
CA ASP B 183 26.43 -6.65 -23.43
C ASP B 183 25.07 -6.46 -22.77
N VAL B 184 24.04 -6.33 -23.59
CA VAL B 184 22.72 -5.97 -23.11
C VAL B 184 21.95 -7.21 -22.71
N LEU B 185 22.05 -8.25 -23.52
CA LEU B 185 21.22 -9.45 -23.37
C LEU B 185 21.70 -10.34 -22.21
N LYS B 186 21.97 -9.69 -21.08
CA LYS B 186 22.18 -10.34 -19.80
C LYS B 186 21.25 -9.68 -18.77
N HIS B 187 20.93 -10.41 -17.71
CA HIS B 187 19.68 -10.23 -16.97
C HIS B 187 19.88 -9.76 -15.54
N PRO B 188 19.74 -8.44 -15.31
CA PRO B 188 19.95 -7.85 -13.99
C PRO B 188 18.85 -8.18 -12.97
N VAL B 189 17.59 -8.04 -13.36
CA VAL B 189 16.48 -8.30 -12.42
C VAL B 189 15.34 -9.12 -13.02
N TRP B 190 15.03 -8.87 -14.29
CA TRP B 190 13.86 -9.49 -14.91
C TRP B 190 14.19 -10.51 -16.00
N ASN B 191 13.32 -11.50 -16.14
CA ASN B 191 13.43 -12.54 -17.14
C ASN B 191 12.34 -12.36 -18.21
N MET B 192 12.74 -11.94 -19.40
CA MET B 192 11.81 -11.55 -20.46
C MET B 192 12.49 -11.62 -21.84
N GLY B 193 11.78 -11.23 -22.90
CA GLY B 193 12.32 -11.29 -24.27
C GLY B 193 13.47 -10.35 -24.62
N ALA B 194 13.96 -10.47 -25.86
CA ALA B 194 15.08 -9.67 -26.33
C ALA B 194 14.67 -8.21 -26.48
N ARG B 195 13.45 -7.96 -26.94
CA ARG B 195 12.94 -6.59 -27.11
C ARG B 195 12.86 -5.88 -25.78
N ILE B 196 12.29 -6.55 -24.77
CA ILE B 196 12.02 -5.90 -23.49
C ILE B 196 13.32 -5.65 -22.77
N THR B 197 14.27 -6.57 -22.94
CA THR B 197 15.60 -6.42 -22.39
C THR B 197 16.32 -5.19 -22.95
N VAL B 198 16.21 -4.96 -24.26
CA VAL B 198 16.85 -3.77 -24.85
C VAL B 198 16.11 -2.50 -24.36
N ASP B 199 14.78 -2.52 -24.39
CA ASP B 199 13.98 -1.36 -23.93
C ASP B 199 14.26 -1.02 -22.46
N SER B 200 14.58 -2.04 -21.67
CA SER B 200 14.98 -1.81 -20.28
C SER B 200 16.35 -1.11 -20.17
N ALA B 201 17.22 -1.37 -21.14
CA ALA B 201 18.60 -0.81 -21.11
C ALA B 201 18.64 0.66 -21.52
N THR B 202 17.72 1.03 -22.41
CA THR B 202 17.55 2.41 -22.90
C THR B 202 16.56 3.19 -22.05
N MET B 203 15.84 2.47 -21.19
CA MET B 203 14.67 2.95 -20.43
C MET B 203 13.50 3.44 -21.28
N VAL B 204 13.49 3.06 -22.55
CA VAL B 204 12.30 3.29 -23.35
C VAL B 204 11.15 2.47 -22.76
N ASN B 205 11.46 1.34 -22.14
CA ASN B 205 10.37 0.60 -21.51
C ASN B 205 9.66 1.45 -20.48
N LYS B 206 10.45 2.14 -19.67
CA LYS B 206 9.90 3.03 -18.66
C LYS B 206 9.20 4.22 -19.27
N ALA B 207 9.69 4.75 -20.40
CA ALA B 207 8.94 5.81 -21.07
C ALA B 207 7.55 5.33 -21.46
N PHE B 208 7.44 4.11 -22.01
CA PHE B 208 6.11 3.52 -22.30
C PHE B 208 5.24 3.42 -21.03
N GLU B 209 5.83 2.94 -19.94
CA GLU B 209 5.08 2.79 -18.68
C GLU B 209 4.54 4.10 -18.11
N VAL B 210 5.30 5.18 -18.29
CA VAL B 210 4.84 6.51 -17.82
C VAL B 210 3.60 6.92 -18.59
N LEU B 211 3.67 6.80 -19.92
CA LEU B 211 2.55 7.13 -20.80
C LEU B 211 1.35 6.24 -20.51
N GLU B 212 1.56 4.94 -20.38
CA GLU B 212 0.47 4.02 -19.95
C GLU B 212 -0.14 4.40 -18.60
N ALA B 213 0.69 4.75 -17.62
CA ALA B 213 0.22 5.21 -16.30
C ALA B 213 -0.70 6.44 -16.39
N MET B 214 -0.27 7.44 -17.18
CA MET B 214 -1.09 8.62 -17.42
C MET B 214 -2.46 8.24 -17.96
N GLU B 215 -2.50 7.27 -18.88
CA GLU B 215 -3.78 6.77 -19.46
C GLU B 215 -4.61 5.98 -18.45
N LEU B 216 -3.99 5.01 -17.80
CA LEU B 216 -4.69 4.09 -16.90
C LEU B 216 -5.28 4.81 -15.68
N PHE B 217 -4.53 5.76 -15.15
CA PHE B 217 -4.87 6.35 -13.85
C PHE B 217 -5.26 7.80 -13.97
N GLU B 218 -5.28 8.30 -15.20
CA GLU B 218 -5.68 9.68 -15.48
C GLU B 218 -4.85 10.66 -14.68
N LEU B 219 -3.53 10.51 -14.79
CA LEU B 219 -2.60 11.35 -14.08
C LEU B 219 -1.95 12.30 -15.04
N PRO B 220 -1.75 13.56 -14.61
CA PRO B 220 -0.89 14.43 -15.37
C PRO B 220 0.53 13.90 -15.33
N PHE B 221 1.27 14.15 -16.39
CA PHE B 221 2.67 13.78 -16.51
C PHE B 221 3.46 14.28 -15.31
N GLU B 222 3.12 15.47 -14.81
CA GLU B 222 3.85 16.08 -13.69
C GLU B 222 3.71 15.32 -12.36
N LYS B 223 2.74 14.42 -12.28
CA LYS B 223 2.55 13.63 -11.05
C LYS B 223 3.23 12.28 -11.06
N ILE B 224 3.98 11.98 -12.11
CA ILE B 224 4.65 10.68 -12.22
C ILE B 224 6.15 10.89 -12.04
N GLU B 225 6.78 10.00 -11.30
CA GLU B 225 8.21 10.07 -11.03
C GLU B 225 8.79 8.72 -11.36
N VAL B 226 9.95 8.65 -12.01
CA VAL B 226 10.63 7.35 -12.18
C VAL B 226 11.93 7.34 -11.39
N LYS B 227 12.15 6.27 -10.62
CA LYS B 227 13.36 6.11 -9.85
C LYS B 227 14.04 4.84 -10.26
N ILE B 228 15.35 4.89 -10.42
CA ILE B 228 16.11 3.66 -10.54
C ILE B 228 16.22 2.98 -9.16
N HIS B 229 15.85 1.71 -9.11
CA HIS B 229 15.75 0.98 -7.87
C HIS B 229 16.49 -0.33 -8.06
N ARG B 230 17.77 -0.35 -7.70
CA ARG B 230 18.60 -1.49 -8.12
C ARG B 230 18.22 -2.87 -7.53
N GLU B 231 17.54 -2.90 -6.39
CA GLU B 231 17.07 -4.20 -5.84
C GLU B 231 15.90 -4.83 -6.60
N GLY B 232 15.10 -4.02 -7.31
CA GLY B 232 13.91 -4.54 -7.99
C GLY B 232 12.84 -5.21 -7.12
N LEU B 233 12.79 -4.81 -5.85
CA LEU B 233 11.79 -5.32 -4.91
C LEU B 233 10.51 -4.46 -4.85
N VAL B 234 10.67 -3.14 -4.84
CA VAL B 234 9.53 -2.22 -4.91
C VAL B 234 9.13 -2.08 -6.39
N HIS B 235 7.86 -2.40 -6.70
CA HIS B 235 7.36 -2.33 -8.07
C HIS B 235 6.54 -1.09 -8.32
N GLY B 236 6.24 -0.37 -7.25
CA GLY B 236 5.53 0.89 -7.38
C GLY B 236 5.22 1.47 -6.01
N ALA B 237 5.01 2.78 -5.97
CA ALA B 237 4.70 3.50 -4.74
C ALA B 237 3.81 4.70 -5.07
N VAL B 238 2.97 5.11 -4.11
CA VAL B 238 2.27 6.36 -4.23
C VAL B 238 2.69 7.21 -3.04
N VAL B 239 3.03 8.46 -3.33
CA VAL B 239 3.40 9.46 -2.32
C VAL B 239 2.13 10.30 -2.08
N LEU B 240 1.67 10.35 -0.82
CA LEU B 240 0.46 11.11 -0.49
C LEU B 240 0.81 12.49 0.06
N PRO B 241 -0.13 13.44 -0.03
CA PRO B 241 0.23 14.80 0.41
C PRO B 241 0.45 14.96 1.93
N ASP B 242 0.06 13.93 2.70
CA ASP B 242 0.17 13.99 4.16
C ASP B 242 1.49 13.47 4.75
N GLY B 243 2.34 12.82 3.93
CA GLY B 243 3.58 12.25 4.47
C GLY B 243 3.65 10.74 4.39
N ASN B 244 2.49 10.11 4.17
CA ASN B 244 2.39 8.67 4.05
C ASN B 244 2.91 8.28 2.64
N VAL B 245 3.52 7.11 2.54
CA VAL B 245 3.88 6.54 1.24
C VAL B 245 3.38 5.11 1.28
N LYS B 246 2.61 4.69 0.28
CA LYS B 246 2.19 3.30 0.17
C LYS B 246 3.03 2.64 -0.91
N MET B 247 3.69 1.55 -0.54
CA MET B 247 4.61 0.82 -1.45
C MET B 247 4.17 -0.61 -1.61
N VAL B 248 4.42 -1.16 -2.80
CA VAL B 248 4.11 -2.55 -3.10
C VAL B 248 5.41 -3.27 -3.41
N VAL B 249 5.69 -4.31 -2.63
CA VAL B 249 6.91 -5.10 -2.77
C VAL B 249 6.52 -6.51 -3.18
N SER B 250 7.31 -7.13 -4.07
CA SER B 250 7.06 -8.51 -4.43
C SER B 250 8.24 -9.11 -5.19
N PRO B 251 8.28 -10.44 -5.29
CA PRO B 251 9.29 -11.05 -6.16
C PRO B 251 9.12 -10.59 -7.61
N PRO B 252 10.22 -10.59 -8.41
CA PRO B 252 10.13 -10.23 -9.82
C PRO B 252 9.60 -11.40 -10.63
N ASP B 253 8.32 -11.71 -10.45
CA ASP B 253 7.70 -12.86 -11.11
C ASP B 253 6.38 -12.41 -11.74
N MET B 254 6.32 -12.44 -13.07
CA MET B 254 5.14 -11.98 -13.82
C MET B 254 3.87 -12.76 -13.56
N ARG B 255 4.00 -13.98 -13.07
CA ARG B 255 2.81 -14.74 -12.66
C ARG B 255 1.96 -14.07 -11.56
N ILE B 256 2.60 -13.26 -10.74
CA ILE B 256 1.92 -12.51 -9.69
C ILE B 256 0.89 -11.51 -10.26
N PRO B 257 1.35 -10.50 -11.04
CA PRO B 257 0.36 -9.59 -11.63
C PRO B 257 -0.60 -10.22 -12.63
N ILE B 258 -0.17 -11.25 -13.34
CA ILE B 258 -1.09 -12.02 -14.18
C ILE B 258 -2.23 -12.62 -13.36
N SER B 259 -1.89 -13.28 -12.26
CA SER B 259 -2.93 -13.92 -11.44
C SER B 259 -3.88 -12.88 -10.83
N TYR B 260 -3.32 -11.73 -10.42
CA TYR B 260 -4.09 -10.61 -9.87
C TYR B 260 -5.13 -10.06 -10.85
N ALA B 261 -4.70 -9.80 -12.09
CA ALA B 261 -5.61 -9.31 -13.12
C ALA B 261 -6.65 -10.34 -13.44
N LEU B 262 -6.27 -11.62 -13.56
CA LEU B 262 -7.24 -12.66 -13.92
C LEU B 262 -8.27 -12.88 -12.82
N PHE B 263 -7.80 -12.94 -11.57
CA PHE B 263 -8.69 -13.35 -10.46
C PHE B 263 -9.23 -12.20 -9.61
N TYR B 264 -8.81 -10.97 -9.89
CA TYR B 264 -9.33 -9.80 -9.15
C TYR B 264 -10.85 -9.91 -9.01
N PRO B 265 -11.39 -9.64 -7.80
CA PRO B 265 -10.74 -9.18 -6.55
C PRO B 265 -10.15 -10.23 -5.63
N ARG B 266 -10.11 -11.49 -6.07
CA ARG B 266 -9.58 -12.58 -5.24
C ARG B 266 -8.05 -12.63 -5.34
N ARG B 267 -7.39 -12.90 -4.23
CA ARG B 267 -5.96 -13.11 -4.22
C ARG B 267 -5.64 -14.60 -4.28
N VAL B 268 -4.87 -14.99 -5.29
CA VAL B 268 -4.45 -16.39 -5.45
C VAL B 268 -3.36 -16.74 -4.47
N ALA B 269 -3.41 -17.94 -3.88
CA ALA B 269 -2.35 -18.41 -3.01
C ALA B 269 -1.19 -18.94 -3.83
N LEU B 270 -0.10 -18.18 -3.82
CA LEU B 270 1.12 -18.57 -4.49
C LEU B 270 2.18 -18.72 -3.40
N GLU B 271 3.24 -17.91 -3.46
CA GLU B 271 4.29 -17.95 -2.47
C GLU B 271 4.37 -16.60 -1.78
N PRO B 272 3.95 -16.53 -0.49
CA PRO B 272 4.01 -15.25 0.22
C PRO B 272 5.45 -14.79 0.39
N PHE B 273 5.65 -13.47 0.30
CA PHE B 273 6.97 -12.85 0.41
C PHE B 273 7.21 -12.56 1.87
N PHE B 274 8.37 -12.95 2.39
CA PHE B 274 8.61 -12.71 3.80
C PHE B 274 9.66 -11.63 4.11
N LEU B 275 9.19 -10.64 4.87
CA LEU B 275 9.95 -9.45 5.22
C LEU B 275 11.27 -9.76 5.90
N ARG B 276 12.29 -8.98 5.56
CA ARG B 276 13.64 -9.18 6.04
C ARG B 276 14.42 -7.88 5.80
N THR B 277 15.54 -7.73 6.50
CA THR B 277 16.38 -6.53 6.39
C THR B 277 16.88 -6.27 4.96
N ILE B 278 16.68 -5.05 4.48
CA ILE B 278 17.21 -4.62 3.18
C ILE B 278 17.50 -3.14 3.17
N SER B 279 18.44 -2.76 2.31
CA SER B 279 18.54 -1.40 1.84
C SER B 279 17.62 -1.30 0.61
N LEU B 280 17.04 -0.14 0.40
CA LEU B 280 16.23 0.10 -0.78
C LEU B 280 16.75 1.38 -1.39
N SER B 281 17.19 1.28 -2.65
CA SER B 281 17.81 2.39 -3.32
C SER B 281 16.83 3.03 -4.28
N PHE B 282 16.82 4.37 -4.31
CA PHE B 282 16.03 5.15 -5.26
C PHE B 282 16.88 6.31 -5.78
N GLU B 283 17.23 6.28 -7.05
CA GLU B 283 18.06 7.35 -7.63
C GLU B 283 17.35 7.88 -8.85
N ASP B 284 17.59 9.13 -9.19
CA ASP B 284 17.08 9.69 -10.43
C ASP B 284 17.87 9.11 -11.60
N PRO B 285 17.20 8.82 -12.74
CA PRO B 285 17.96 8.39 -13.93
C PRO B 285 18.81 9.52 -14.52
N ASP B 286 20.05 9.21 -14.87
CA ASP B 286 20.96 10.15 -15.52
C ASP B 286 20.49 10.43 -16.96
N PRO B 287 20.16 11.69 -17.29
CA PRO B 287 19.76 12.12 -18.64
C PRO B 287 20.77 11.78 -19.71
N GLU B 288 22.06 11.78 -19.34
CA GLU B 288 23.10 11.49 -20.27
C GLU B 288 23.20 9.99 -20.55
N LYS B 289 22.76 9.17 -19.59
CA LYS B 289 22.75 7.73 -19.74
C LYS B 289 21.52 7.19 -20.51
N TYR B 290 20.37 7.83 -20.29
CA TYR B 290 19.08 7.36 -20.86
C TYR B 290 18.39 8.47 -21.65
N PRO B 291 19.05 8.94 -22.72
CA PRO B 291 18.46 10.07 -23.44
C PRO B 291 17.08 9.78 -24.05
N ALA B 292 16.80 8.56 -24.48
CA ALA B 292 15.53 8.28 -25.14
C ALA B 292 14.39 8.39 -24.12
N PHE B 293 14.69 8.06 -22.86
CA PHE B 293 13.68 8.21 -21.78
C PHE B 293 13.29 9.68 -21.57
N PHE B 294 14.25 10.60 -21.67
CA PHE B 294 13.96 12.03 -21.47
C PHE B 294 13.31 12.76 -22.64
N LEU B 295 12.96 12.02 -23.69
CA LEU B 295 12.12 12.52 -24.77
C LEU B 295 10.65 12.54 -24.38
N LEU B 296 10.31 11.96 -23.24
CA LEU B 296 8.92 11.98 -22.76
C LEU B 296 8.27 13.35 -22.76
N LYS B 297 8.94 14.34 -22.20
CA LYS B 297 8.31 15.65 -22.09
C LYS B 297 7.94 16.26 -23.45
N GLU B 298 8.73 15.95 -24.48
CA GLU B 298 8.46 16.42 -25.84
C GLU B 298 7.30 15.68 -26.53
N ILE B 299 7.08 14.42 -26.19
CA ILE B 299 6.09 13.61 -26.96
C ILE B 299 4.75 13.42 -26.28
N LYS B 300 4.71 13.65 -24.98
CA LYS B 300 3.61 13.18 -24.12
C LYS B 300 2.19 13.64 -24.53
N ASP B 301 2.09 14.83 -25.10
CA ASP B 301 0.78 15.40 -25.49
C ASP B 301 0.33 15.01 -26.89
N SER B 302 1.20 14.35 -27.65
CA SER B 302 0.88 14.04 -29.06
C SER B 302 0.86 12.55 -29.35
N TYR B 303 -0.33 11.99 -29.66
CA TYR B 303 -0.41 10.62 -30.12
C TYR B 303 0.35 10.36 -31.42
N ALA B 304 0.52 11.39 -32.25
CA ALA B 304 1.37 11.26 -33.45
C ALA B 304 2.83 11.02 -33.02
N LEU B 305 3.32 11.86 -32.11
CA LEU B 305 4.71 11.69 -31.67
C LEU B 305 4.90 10.39 -30.87
N ARG B 306 3.92 10.02 -30.05
CA ARG B 306 4.02 8.78 -29.26
C ARG B 306 3.97 7.54 -30.16
N THR B 307 3.12 7.57 -31.19
CA THR B 307 3.13 6.50 -32.20
C THR B 307 4.45 6.40 -32.96
N ALA B 308 4.97 7.53 -33.42
CA ALA B 308 6.29 7.55 -34.08
C ALA B 308 7.40 7.09 -33.14
N PHE B 309 7.34 7.52 -31.87
CA PHE B 309 8.34 7.10 -30.85
C PHE B 309 8.32 5.57 -30.79
N ASN B 310 7.14 5.01 -30.64
CA ASN B 310 7.01 3.55 -30.63
C ASN B 310 7.56 2.83 -31.87
N ALA B 311 7.14 3.27 -33.06
CA ALA B 311 7.58 2.71 -34.33
C ALA B 311 9.08 2.84 -34.47
N ALA B 312 9.65 4.01 -34.18
CA ALA B 312 11.10 4.20 -34.31
C ALA B 312 11.80 3.25 -33.39
N ASP B 313 11.25 3.08 -32.19
CA ASP B 313 11.87 2.16 -31.24
C ASP B 313 11.89 0.73 -31.75
N GLU B 314 10.79 0.29 -32.34
CA GLU B 314 10.68 -1.06 -32.86
C GLU B 314 11.73 -1.29 -33.92
N VAL B 315 11.89 -0.33 -34.83
CA VAL B 315 12.89 -0.44 -35.89
C VAL B 315 14.32 -0.46 -35.36
N ALA B 316 14.61 0.49 -34.48
CA ALA B 316 15.95 0.63 -33.93
C ALA B 316 16.36 -0.61 -33.13
N VAL B 317 15.47 -1.14 -32.30
CA VAL B 317 15.83 -2.31 -31.48
C VAL B 317 16.17 -3.52 -32.37
N GLU B 318 15.37 -3.76 -33.41
CA GLU B 318 15.65 -4.86 -34.33
C GLU B 318 16.99 -4.67 -35.05
N ALA B 319 17.26 -3.45 -35.50
CA ALA B 319 18.54 -3.12 -36.13
C ALA B 319 19.71 -3.36 -35.18
N PHE B 320 19.52 -2.99 -33.91
CA PHE B 320 20.56 -3.24 -32.90
C PHE B 320 20.82 -4.75 -32.74
N LEU B 321 19.75 -5.52 -32.63
CA LEU B 321 19.85 -6.94 -32.42
C LEU B 321 20.42 -7.66 -33.63
N LYS B 322 20.21 -7.08 -34.81
CA LYS B 322 20.72 -7.61 -36.08
C LYS B 322 22.15 -7.17 -36.37
N GLY B 323 22.72 -6.31 -35.51
CA GLY B 323 24.12 -5.91 -35.64
C GLY B 323 24.36 -4.78 -36.64
N ARG B 324 23.30 -4.07 -37.00
CA ARG B 324 23.38 -2.96 -37.92
C ARG B 324 23.83 -1.65 -37.28
N ILE B 325 23.47 -1.44 -36.02
CA ILE B 325 23.88 -0.25 -35.29
C ILE B 325 24.32 -0.70 -33.92
N ARG B 326 25.14 0.12 -33.27
CA ARG B 326 25.51 -0.10 -31.90
C ARG B 326 24.42 0.46 -31.02
N PHE B 327 24.56 0.22 -29.72
CA PHE B 327 23.52 0.57 -28.75
C PHE B 327 23.17 2.05 -28.78
N GLY B 328 24.20 2.92 -28.84
CA GLY B 328 23.98 4.35 -28.93
C GLY B 328 23.19 4.79 -30.16
N GLY B 329 23.11 3.93 -31.17
CA GLY B 329 22.32 4.25 -32.36
C GLY B 329 20.83 4.24 -32.08
N ILE B 330 20.41 3.54 -31.03
CA ILE B 330 18.97 3.40 -30.79
C ILE B 330 18.34 4.76 -30.50
N HIS B 331 18.89 5.50 -29.55
CA HIS B 331 18.25 6.77 -29.19
C HIS B 331 18.33 7.74 -30.35
N ARG B 332 19.39 7.66 -31.14
CA ARG B 332 19.55 8.53 -32.33
C ARG B 332 18.50 8.22 -33.40
N VAL B 333 18.24 6.94 -33.67
CA VAL B 333 17.13 6.62 -34.58
C VAL B 333 15.82 7.24 -34.10
N ILE B 334 15.52 7.08 -32.82
CA ILE B 334 14.30 7.66 -32.27
C ILE B 334 14.23 9.19 -32.38
N GLU B 335 15.27 9.88 -31.93
CA GLU B 335 15.33 11.34 -32.00
C GLU B 335 15.15 11.88 -33.43
N LYS B 336 15.91 11.32 -34.36
CA LYS B 336 15.86 11.78 -35.75
C LYS B 336 14.55 11.46 -36.43
N THR B 337 13.94 10.32 -36.09
CA THR B 337 12.61 10.00 -36.63
C THR B 337 11.56 10.96 -36.09
N LEU B 338 11.61 11.25 -34.79
CA LEU B 338 10.67 12.21 -34.19
C LEU B 338 10.76 13.60 -34.81
N GLU B 339 11.97 14.04 -35.13
CA GLU B 339 12.20 15.35 -35.79
C GLU B 339 11.42 15.48 -37.12
N GLU B 340 11.18 14.35 -37.78
CA GLU B 340 10.41 14.31 -39.04
C GLU B 340 8.89 14.44 -38.84
N PHE B 341 8.44 14.28 -37.60
CA PHE B 341 7.02 14.33 -37.27
C PHE B 341 6.65 15.58 -36.48
N GLN B 342 7.61 16.48 -36.26
CA GLN B 342 7.31 17.73 -35.56
C GLN B 342 6.13 18.41 -36.28
N GLY B 343 5.12 18.85 -35.54
CA GLY B 343 3.98 19.53 -36.15
C GLY B 343 2.87 18.66 -36.72
N TYR B 344 3.03 17.34 -36.79
CA TYR B 344 1.94 16.47 -37.24
C TYR B 344 0.69 16.69 -36.42
N PRO B 345 -0.49 16.73 -37.07
CA PRO B 345 -1.72 16.91 -36.28
C PRO B 345 -2.10 15.70 -35.42
N GLN B 346 -2.84 15.98 -34.36
CA GLN B 346 -3.37 14.96 -33.45
C GLN B 346 -4.26 13.98 -34.22
N PRO B 347 -3.93 12.65 -34.22
CA PRO B 347 -4.84 11.73 -34.86
C PRO B 347 -6.20 11.68 -34.18
N ARG B 348 -7.24 11.33 -34.94
CA ARG B 348 -8.60 11.32 -34.42
C ARG B 348 -9.27 9.94 -34.48
N THR B 349 -8.73 9.06 -35.31
CA THR B 349 -9.33 7.75 -35.51
C THR B 349 -8.25 6.69 -35.46
N LEU B 350 -8.65 5.43 -35.33
CA LEU B 350 -7.73 4.31 -35.46
C LEU B 350 -6.93 4.40 -36.75
N ASP B 351 -7.61 4.79 -37.82
CA ASP B 351 -6.98 4.86 -39.12
C ASP B 351 -5.86 5.91 -39.18
N ASP B 352 -6.06 7.07 -38.54
CA ASP B 352 -5.00 8.09 -38.45
C ASP B 352 -3.79 7.54 -37.72
N VAL B 353 -4.03 6.80 -36.65
CA VAL B 353 -2.93 6.22 -35.87
C VAL B 353 -2.15 5.23 -36.70
N GLU B 354 -2.86 4.35 -37.40
CA GLU B 354 -2.19 3.31 -38.22
C GLU B 354 -1.33 3.90 -39.37
N ARG B 355 -1.80 5.00 -39.93
CA ARG B 355 -1.04 5.73 -40.98
C ARG B 355 0.28 6.28 -40.44
N ILE B 356 0.21 6.88 -39.24
CA ILE B 356 1.41 7.44 -38.59
C ILE B 356 2.37 6.31 -38.28
N HIS B 357 1.85 5.21 -37.74
CA HIS B 357 2.70 4.04 -37.47
C HIS B 357 3.48 3.61 -38.71
N PHE B 358 2.78 3.36 -39.80
CA PHE B 358 3.39 2.90 -41.07
C PHE B 358 4.43 3.88 -41.59
N GLU B 359 4.13 5.18 -41.60
CA GLU B 359 5.16 6.10 -42.11
C GLU B 359 6.39 6.23 -41.22
N ALA B 360 6.19 6.14 -39.90
CA ALA B 360 7.30 6.23 -38.97
C ALA B 360 8.21 5.06 -39.10
N ILE B 361 7.66 3.86 -39.33
CA ILE B 361 8.45 2.65 -39.58
C ILE B 361 9.36 2.85 -40.81
N LYS B 362 8.74 3.36 -41.87
CA LYS B 362 9.48 3.62 -43.12
C LYS B 362 10.52 4.70 -42.87
N LYS B 363 10.12 5.80 -42.25
CA LYS B 363 11.09 6.86 -41.91
C LYS B 363 12.24 6.38 -41.01
N ALA B 364 11.89 5.64 -39.96
CA ALA B 364 12.92 5.11 -39.06
C ALA B 364 13.88 4.15 -39.74
N GLU B 365 13.39 3.33 -40.66
CA GLU B 365 14.31 2.47 -41.45
C GLU B 365 15.34 3.28 -42.25
N ARG B 366 14.92 4.40 -42.83
CA ARG B 366 15.84 5.27 -43.60
C ARG B 366 16.91 5.88 -42.70
N VAL B 367 16.48 6.36 -41.54
CA VAL B 367 17.38 6.88 -40.54
C VAL B 367 18.38 5.81 -40.14
N THR B 368 17.88 4.59 -39.87
CA THR B 368 18.73 3.47 -39.45
C THR B 368 19.81 3.15 -40.51
N GLU B 369 19.40 3.17 -41.78
CA GLU B 369 20.36 2.99 -42.89
C GLU B 369 21.44 4.07 -42.86
N TRP B 370 21.02 5.32 -42.67
CA TRP B 370 21.97 6.41 -42.56
C TRP B 370 22.98 6.11 -41.48
N LEU B 371 22.50 5.87 -40.26
CA LEU B 371 23.37 5.58 -39.11
C LEU B 371 24.21 4.33 -39.28
N SER B 372 23.70 3.35 -40.01
CA SER B 372 24.42 2.11 -40.25
C SER B 372 25.60 2.33 -41.21
N SER B 373 25.33 3.01 -42.32
CA SER B 373 26.34 3.30 -43.33
C SER B 373 27.32 4.39 -42.90
N THR B 374 27.12 4.94 -41.72
CA THR B 374 27.78 6.18 -41.30
C THR B 374 28.52 6.01 -39.97
#